data_5I79
#
_entry.id   5I79
#
_cell.length_a   161.992
_cell.length_b   51.332
_cell.length_c   75.358
_cell.angle_alpha   90.00
_cell.angle_beta   95.20
_cell.angle_gamma   90.00
#
_symmetry.space_group_name_H-M   'C 1 2 1'
#
loop_
_entity.id
_entity.type
_entity.pdbx_description
1 polymer 'Endo-beta-1, 4-glucanase'
2 branched beta-D-glucopyranose-(1-4)-beta-D-glucopyranose-(1-4)-beta-D-glucopyranose-(1-4)-beta-D-glucopyranose
3 non-polymer 'TRIETHYLENE GLYCOL'
4 non-polymer 2-acetamido-2-deoxy-beta-D-glucopyranose
5 non-polymer 'CALCIUM ION'
6 water water
#
_entity_poly.entity_id   1
_entity_poly.type   'polypeptide(L)'
_entity_poly.pdbx_seq_one_letter_code
;EFVFEWFGSNESGAEFGTNIPGVWGTDYIFPDPSAISTLIDKGMNFFRVQFMMERLLPDSMTGSYDEEYLANLTTVIKAV
TDGGAHALVDPHNYGRYNGEIISSTSDFQTFWENLAGQYKDNDLVMFDTNNEYHDMDQDLVLNLNQAAINGIRAAGATSQ
YIFVEGNSWTGAWTWVDVNDNMKNLTDPEDKIVYEMHQYLDSDGSGTSETCVSETIGKERVTEATQWLKDNKKVGFIGAY
AGGSNDVCRSAVSGMLEYMANNTDVWKGASWWAAGPWWGDYIFSLEPPDGTAYTGMLDILEAYL
;
_entity_poly.pdbx_strand_id   A,B
#
loop_
_chem_comp.id
_chem_comp.type
_chem_comp.name
_chem_comp.formula
BGC D-saccharide, beta linking beta-D-glucopyranose 'C6 H12 O6'
CA non-polymer 'CALCIUM ION' 'Ca 2'
NAG D-saccharide, beta linking 2-acetamido-2-deoxy-beta-D-glucopyranose 'C8 H15 N O6'
PGE non-polymer 'TRIETHYLENE GLYCOL' 'C6 H14 O4'
#
# COMPACT_ATOMS: atom_id res chain seq x y z
N VAL A 3 -1.56 29.79 15.98
CA VAL A 3 -0.82 29.47 14.71
C VAL A 3 -1.68 28.79 13.66
N PHE A 4 -2.36 27.73 14.01
CA PHE A 4 -3.18 27.06 13.01
C PHE A 4 -4.62 27.39 13.30
N GLU A 5 -5.44 27.32 12.28
CA GLU A 5 -6.88 27.42 12.48
C GLU A 5 -7.40 26.36 13.42
N TRP A 6 -6.96 25.13 13.23
CA TRP A 6 -7.47 24.04 14.01
C TRP A 6 -6.33 23.17 14.50
N PHE A 7 -6.43 22.74 15.73
CA PHE A 7 -5.39 21.95 16.27
C PHE A 7 -5.91 21.12 17.44
N GLY A 8 -5.78 19.79 17.33
CA GLY A 8 -6.08 18.90 18.42
C GLY A 8 -5.70 17.45 18.19
N SER A 9 -6.72 16.59 18.34
CA SER A 9 -6.51 15.15 18.51
C SER A 9 -7.62 14.30 17.92
N ASN A 10 -7.24 13.09 17.50
CA ASN A 10 -8.22 12.08 17.25
C ASN A 10 -8.75 11.52 18.59
N GLU A 11 -10.02 11.12 18.59
CA GLU A 11 -10.64 10.41 19.70
C GLU A 11 -11.17 9.10 19.21
N SER A 12 -10.46 8.04 19.54
CA SER A 12 -10.73 6.73 19.02
C SER A 12 -11.31 5.80 20.07
N GLY A 13 -11.95 4.75 19.59
CA GLY A 13 -12.50 3.70 20.44
C GLY A 13 -13.78 3.12 19.86
N ALA A 14 -14.62 3.98 19.29
CA ALA A 14 -15.88 3.48 18.76
C ALA A 14 -15.69 2.61 17.54
N GLU A 15 -14.51 2.63 16.93
CA GLU A 15 -14.19 1.74 15.81
C GLU A 15 -13.35 0.55 16.24
N PHE A 16 -13.17 0.37 17.53
CA PHE A 16 -12.23 -0.66 18.03
C PHE A 16 -12.78 -2.06 17.74
N GLY A 17 -11.88 -3.04 17.75
CA GLY A 17 -12.25 -4.44 17.91
C GLY A 17 -12.46 -5.14 16.58
N THR A 18 -12.44 -6.47 16.61
CA THR A 18 -12.60 -7.30 15.43
C THR A 18 -14.05 -7.75 15.22
N ASN A 19 -14.86 -7.80 16.29
CA ASN A 19 -16.26 -8.24 16.15
C ASN A 19 -17.18 -7.11 15.73
N ILE A 20 -17.89 -7.36 14.65
CA ILE A 20 -18.73 -6.39 13.99
C ILE A 20 -20.07 -7.08 13.76
N PRO A 21 -21.18 -6.57 14.28
CA PRO A 21 -21.24 -5.34 15.04
C PRO A 21 -20.53 -5.33 16.41
N GLY A 22 -20.50 -6.44 17.12
CA GLY A 22 -19.90 -6.50 18.45
C GLY A 22 -20.71 -5.75 19.51
N VAL A 23 -20.13 -5.57 20.69
CA VAL A 23 -20.91 -5.04 21.80
C VAL A 23 -20.10 -4.04 22.59
N TRP A 24 -20.74 -2.92 22.90
CA TRP A 24 -20.13 -1.86 23.67
C TRP A 24 -19.62 -2.41 25.02
N GLY A 25 -18.49 -1.91 25.49
CA GLY A 25 -17.95 -2.29 26.78
C GLY A 25 -17.01 -3.48 26.72
N THR A 26 -17.08 -4.22 25.61
CA THR A 26 -16.31 -5.42 25.36
C THR A 26 -15.42 -5.23 24.13
N ASP A 27 -16.04 -4.89 23.00
CA ASP A 27 -15.38 -4.82 21.71
C ASP A 27 -14.91 -3.43 21.39
N TYR A 28 -15.68 -2.43 21.83
CA TYR A 28 -15.43 -1.02 21.59
C TYR A 28 -16.06 -0.18 22.71
N ILE A 29 -15.83 1.14 22.63
CA ILE A 29 -16.23 2.12 23.64
C ILE A 29 -16.27 3.48 22.95
N PHE A 30 -17.03 4.41 23.53
CA PHE A 30 -16.95 5.80 23.08
C PHE A 30 -15.94 6.67 23.86
N PRO A 31 -15.32 7.65 23.17
CA PRO A 31 -14.53 8.66 23.86
C PRO A 31 -15.21 9.23 25.14
N ASP A 32 -14.39 9.64 26.11
CA ASP A 32 -14.82 10.08 27.44
C ASP A 32 -14.89 11.62 27.42
N PRO A 33 -16.09 12.19 27.62
CA PRO A 33 -16.17 13.65 27.59
C PRO A 33 -15.23 14.33 28.58
N SER A 34 -14.96 13.76 29.77
CA SER A 34 -14.04 14.46 30.68
C SER A 34 -12.58 14.43 30.23
N ALA A 35 -12.17 13.40 29.51
CA ALA A 35 -10.83 13.46 28.95
C ALA A 35 -10.77 14.50 27.79
N ILE A 36 -11.85 14.57 27.01
CA ILE A 36 -11.93 15.55 25.97
C ILE A 36 -11.88 16.96 26.58
N SER A 37 -12.60 17.17 27.68
CA SER A 37 -12.53 18.44 28.40
C SER A 37 -11.17 18.84 28.85
N THR A 38 -10.40 17.90 29.33
CA THR A 38 -9.02 18.19 29.69
C THR A 38 -8.20 18.64 28.48
N LEU A 39 -8.36 17.97 27.33
CA LEU A 39 -7.60 18.45 26.15
C LEU A 39 -8.07 19.84 25.67
N ILE A 40 -9.35 20.13 25.82
CA ILE A 40 -9.85 21.44 25.48
C ILE A 40 -9.25 22.47 26.44
N ASP A 41 -9.21 22.15 27.73
CA ASP A 41 -8.57 23.03 28.71
C ASP A 41 -7.10 23.33 28.37
N LYS A 42 -6.41 22.39 27.75
CA LYS A 42 -5.03 22.61 27.25
C LYS A 42 -4.97 23.52 26.03
N GLY A 43 -6.14 23.77 25.42
CA GLY A 43 -6.20 24.68 24.30
C GLY A 43 -6.55 24.09 22.94
N MET A 44 -6.84 22.80 22.88
CA MET A 44 -7.20 22.15 21.65
C MET A 44 -8.60 22.54 21.25
N ASN A 45 -8.79 22.85 19.97
CA ASN A 45 -10.09 23.29 19.50
C ASN A 45 -10.67 22.38 18.44
N PHE A 46 -10.22 21.13 18.42
CA PHE A 46 -10.46 20.27 17.30
C PHE A 46 -10.29 18.81 17.73
N PHE A 47 -11.32 18.02 17.45
CA PHE A 47 -11.33 16.61 17.75
C PHE A 47 -11.97 15.87 16.58
N ARG A 48 -11.27 14.85 16.10
CA ARG A 48 -11.68 14.02 15.00
C ARG A 48 -12.12 12.68 15.60
N VAL A 49 -13.42 12.43 15.56
CA VAL A 49 -14.02 11.34 16.30
C VAL A 49 -14.30 10.14 15.42
N GLN A 50 -13.63 9.03 15.68
CA GLN A 50 -13.74 7.84 14.84
C GLN A 50 -15.08 7.13 15.08
N PHE A 51 -15.71 6.62 14.03
CA PHE A 51 -16.78 5.59 14.21
C PHE A 51 -16.70 4.58 13.09
N MET A 52 -17.32 3.43 13.30
CA MET A 52 -17.44 2.41 12.30
C MET A 52 -18.81 2.45 11.60
N MET A 53 -18.84 2.55 10.27
CA MET A 53 -20.08 2.50 9.51
C MET A 53 -20.87 1.23 9.74
N GLU A 54 -20.22 0.10 9.85
CA GLU A 54 -20.98 -1.11 10.04
C GLU A 54 -21.74 -1.16 11.37
N ARG A 55 -21.27 -0.44 12.38
CA ARG A 55 -22.00 -0.33 13.65
C ARG A 55 -23.12 0.73 13.63
N LEU A 56 -22.88 1.84 12.96
CA LEU A 56 -23.94 2.83 12.80
C LEU A 56 -25.07 2.24 11.97
N LEU A 57 -24.68 1.41 11.00
CA LEU A 57 -25.59 0.92 9.97
C LEU A 57 -25.42 -0.57 9.82
N PRO A 58 -26.07 -1.37 10.69
CA PRO A 58 -25.89 -2.81 10.66
C PRO A 58 -26.66 -3.54 9.57
N ASP A 59 -27.54 -2.89 8.82
CA ASP A 59 -28.30 -3.59 7.73
C ASP A 59 -27.67 -3.32 6.41
N SER A 60 -27.50 -2.04 6.10
CA SER A 60 -26.96 -1.62 4.83
C SER A 60 -26.67 -0.15 4.92
N MET A 61 -25.97 0.35 3.92
CA MET A 61 -25.42 1.68 3.97
C MET A 61 -26.52 2.73 3.95
N THR A 62 -27.55 2.47 3.17
CA THR A 62 -28.70 3.35 3.07
C THR A 62 -29.88 2.94 3.99
N GLY A 63 -29.68 1.96 4.87
CA GLY A 63 -30.74 1.47 5.75
C GLY A 63 -30.91 2.19 7.09
N SER A 64 -31.52 1.49 8.02
CA SER A 64 -31.77 1.97 9.35
C SER A 64 -30.49 2.07 10.18
N TYR A 65 -30.40 3.12 10.98
CA TYR A 65 -29.39 3.25 12.02
C TYR A 65 -29.64 2.28 13.19
N ASP A 66 -28.54 1.86 13.81
CA ASP A 66 -28.53 1.47 15.21
C ASP A 66 -28.50 2.79 15.99
N GLU A 67 -29.65 3.12 16.57
CA GLU A 67 -29.87 4.46 17.10
C GLU A 67 -29.20 4.71 18.45
N GLU A 68 -28.91 3.64 19.16
CA GLU A 68 -28.15 3.74 20.38
C GLU A 68 -26.68 4.13 20.06
N TYR A 69 -26.09 3.49 19.03
CA TYR A 69 -24.73 3.82 18.61
C TYR A 69 -24.65 5.30 18.10
N LEU A 70 -25.65 5.67 17.30
CA LEU A 70 -25.79 7.04 16.81
C LEU A 70 -25.89 8.03 17.96
N ALA A 71 -26.73 7.70 18.93
CA ALA A 71 -26.89 8.55 20.11
C ALA A 71 -25.55 8.75 20.85
N ASN A 72 -24.85 7.65 21.07
CA ASN A 72 -23.54 7.71 21.68
C ASN A 72 -22.59 8.58 20.89
N LEU A 73 -22.59 8.47 19.57
CA LEU A 73 -21.69 9.28 18.74
C LEU A 73 -22.08 10.74 18.94
N THR A 74 -23.37 10.98 18.93
CA THR A 74 -23.92 12.33 19.13
C THR A 74 -23.56 12.92 20.49
N THR A 75 -23.61 12.13 21.54
CA THR A 75 -23.16 12.55 22.87
C THR A 75 -21.69 13.05 22.89
N VAL A 76 -20.81 12.37 22.19
CA VAL A 76 -19.41 12.81 22.12
C VAL A 76 -19.29 14.10 21.29
N ILE A 77 -20.01 14.17 20.18
CA ILE A 77 -20.04 15.39 19.39
C ILE A 77 -20.62 16.58 20.18
N LYS A 78 -21.66 16.36 20.93
CA LYS A 78 -22.21 17.46 21.68
C LYS A 78 -21.20 17.86 22.77
N ALA A 79 -20.52 16.90 23.36
CA ALA A 79 -19.48 17.19 24.34
C ALA A 79 -18.32 18.03 23.74
N VAL A 80 -17.88 17.67 22.56
CA VAL A 80 -16.89 18.50 21.88
C VAL A 80 -17.46 19.87 21.55
N THR A 81 -18.63 19.92 20.93
CA THR A 81 -19.08 21.21 20.41
C THR A 81 -19.61 22.12 21.48
N ASP A 82 -20.25 21.54 22.50
CA ASP A 82 -20.69 22.32 23.70
C ASP A 82 -19.53 23.08 24.36
N GLY A 83 -18.33 22.51 24.25
CA GLY A 83 -17.13 23.10 24.83
C GLY A 83 -16.49 24.08 23.87
N GLY A 84 -17.14 24.33 22.75
CA GLY A 84 -16.66 25.32 21.83
C GLY A 84 -15.67 24.84 20.80
N ALA A 85 -15.38 23.53 20.77
CA ALA A 85 -14.47 22.96 19.76
C ALA A 85 -15.16 22.36 18.52
N HIS A 86 -14.42 22.28 17.42
CA HIS A 86 -14.93 21.66 16.24
C HIS A 86 -14.81 20.16 16.42
N ALA A 87 -15.84 19.44 15.99
CA ALA A 87 -15.84 17.99 15.88
C ALA A 87 -15.92 17.53 14.41
N LEU A 88 -14.90 16.79 14.01
CA LEU A 88 -14.79 16.24 12.67
C LEU A 88 -15.25 14.80 12.72
N VAL A 89 -16.33 14.50 12.02
CA VAL A 89 -16.94 13.17 12.13
C VAL A 89 -16.30 12.26 11.09
N ASP A 90 -15.67 11.19 11.54
CA ASP A 90 -14.79 10.35 10.73
C ASP A 90 -15.31 8.90 10.69
N PRO A 91 -15.99 8.53 9.59
CA PRO A 91 -16.30 7.12 9.40
C PRO A 91 -15.00 6.40 9.02
N HIS A 92 -14.49 5.61 9.96
CA HIS A 92 -13.14 5.02 9.89
C HIS A 92 -13.12 3.69 9.14
N ASN A 93 -13.28 3.79 7.82
CA ASN A 93 -13.70 2.66 6.98
C ASN A 93 -12.90 2.36 5.75
N TYR A 94 -11.92 3.20 5.43
CA TYR A 94 -10.93 2.89 4.40
C TYR A 94 -11.54 2.68 3.03
N GLY A 95 -12.54 3.44 2.70
CA GLY A 95 -13.19 3.23 1.40
C GLY A 95 -14.06 1.98 1.31
N ARG A 96 -14.29 1.29 2.43
CA ARG A 96 -14.92 -0.01 2.41
C ARG A 96 -16.07 -0.12 3.38
N TYR A 97 -17.00 -1.01 3.06
CA TYR A 97 -18.17 -1.23 3.89
C TYR A 97 -18.47 -2.70 3.80
N ASN A 98 -18.39 -3.37 4.94
CA ASN A 98 -18.54 -4.77 5.04
C ASN A 98 -17.46 -5.52 4.27
N GLY A 99 -16.21 -5.06 4.38
CA GLY A 99 -15.11 -5.74 3.74
C GLY A 99 -14.94 -5.46 2.25
N GLU A 100 -15.98 -4.91 1.59
CA GLU A 100 -15.95 -4.59 0.18
C GLU A 100 -15.80 -3.10 -0.06
N ILE A 101 -15.05 -2.79 -1.10
CA ILE A 101 -14.89 -1.45 -1.57
C ILE A 101 -16.25 -0.83 -1.87
N ILE A 102 -16.49 0.37 -1.38
CA ILE A 102 -17.73 1.07 -1.72
C ILE A 102 -17.63 1.55 -3.16
N SER A 103 -18.33 0.87 -4.05
CA SER A 103 -18.22 1.22 -5.43
C SER A 103 -19.52 1.90 -5.90
N SER A 104 -20.53 1.97 -5.05
CA SER A 104 -21.77 2.65 -5.39
C SER A 104 -21.69 4.10 -4.93
N THR A 105 -21.52 5.03 -5.85
CA THR A 105 -21.45 6.44 -5.49
C THR A 105 -22.78 6.94 -4.98
N SER A 106 -23.82 6.41 -5.59
CA SER A 106 -25.19 6.65 -5.23
C SER A 106 -25.54 6.28 -3.76
N ASP A 107 -25.18 5.07 -3.33
CA ASP A 107 -25.44 4.67 -1.95
C ASP A 107 -24.57 5.49 -1.00
N PHE A 108 -23.32 5.77 -1.40
CA PHE A 108 -22.43 6.63 -0.59
C PHE A 108 -23.02 8.01 -0.44
N GLN A 109 -23.54 8.56 -1.53
CA GLN A 109 -24.14 9.88 -1.47
C GLN A 109 -25.30 9.88 -0.49
N THR A 110 -26.14 8.87 -0.61
CA THR A 110 -27.30 8.67 0.28
C THR A 110 -26.87 8.51 1.76
N PHE A 111 -25.85 7.69 2.01
CA PHE A 111 -25.28 7.55 3.35
C PHE A 111 -24.95 8.90 3.94
N TRP A 112 -24.23 9.74 3.20
CA TRP A 112 -23.78 11.02 3.70
C TRP A 112 -24.86 12.08 3.83
N GLU A 113 -25.87 12.00 2.99
CA GLU A 113 -27.06 12.85 3.14
C GLU A 113 -27.84 12.52 4.41
N ASN A 114 -28.06 11.25 4.71
CA ASN A 114 -28.68 10.87 5.98
C ASN A 114 -27.84 11.29 7.21
N LEU A 115 -26.56 10.96 7.23
CA LEU A 115 -25.71 11.26 8.37
C LEU A 115 -25.53 12.76 8.56
N ALA A 116 -25.20 13.48 7.50
CA ALA A 116 -25.10 14.93 7.63
C ALA A 116 -26.43 15.57 8.07
N GLY A 117 -27.55 14.91 7.74
CA GLY A 117 -28.87 15.36 8.16
C GLY A 117 -28.96 15.35 9.66
N GLN A 118 -28.33 14.39 10.30
CA GLN A 118 -28.35 14.40 11.76
C GLN A 118 -27.66 15.61 12.40
N TYR A 119 -26.71 16.24 11.73
CA TYR A 119 -25.88 17.25 12.36
C TYR A 119 -25.89 18.56 11.64
N LYS A 120 -26.88 18.77 10.78
CA LYS A 120 -26.85 19.90 9.81
C LYS A 120 -26.88 21.25 10.52
N ASP A 121 -27.51 21.29 11.69
CA ASP A 121 -27.65 22.50 12.46
C ASP A 121 -26.51 22.82 13.43
N ASN A 122 -25.50 21.95 13.52
CA ASN A 122 -24.38 22.19 14.43
C ASN A 122 -23.25 22.77 13.61
N ASP A 123 -23.08 24.06 13.71
CA ASP A 123 -22.06 24.73 12.90
C ASP A 123 -20.63 24.38 13.34
N LEU A 124 -20.47 23.72 14.49
CA LEU A 124 -19.15 23.30 14.93
C LEU A 124 -18.76 21.92 14.44
N VAL A 125 -19.70 21.21 13.83
CA VAL A 125 -19.41 19.91 13.21
C VAL A 125 -18.77 20.03 11.81
N MET A 126 -17.89 19.06 11.51
CA MET A 126 -17.18 18.94 10.24
C MET A 126 -17.28 17.50 9.83
N PHE A 127 -17.17 17.27 8.54
CA PHE A 127 -17.39 15.96 7.99
C PHE A 127 -16.23 15.45 7.18
N ASP A 128 -15.72 14.31 7.56
CA ASP A 128 -14.61 13.63 6.89
C ASP A 128 -15.22 12.52 6.02
N THR A 129 -14.91 12.49 4.73
CA THR A 129 -15.66 11.69 3.78
C THR A 129 -15.45 10.22 4.05
N ASN A 130 -14.20 9.84 4.31
CA ASN A 130 -13.88 8.52 4.81
C ASN A 130 -12.40 8.50 5.17
N ASN A 131 -12.02 7.63 6.11
CA ASN A 131 -10.64 7.48 6.53
C ASN A 131 -9.84 6.59 5.61
N GLU A 132 -8.83 7.17 4.98
CA GLU A 132 -7.79 6.40 4.28
C GLU A 132 -8.27 5.39 3.26
N TYR A 133 -8.69 5.89 2.10
CA TYR A 133 -8.98 5.11 0.95
C TYR A 133 -7.63 4.49 0.54
N HIS A 134 -7.71 3.29 -0.02
CA HIS A 134 -6.47 2.65 -0.47
C HIS A 134 -6.84 1.50 -1.38
N ASP A 135 -5.88 1.12 -2.22
CA ASP A 135 -6.00 -0.08 -3.05
C ASP A 135 -7.31 -0.11 -3.79
N MET A 136 -7.62 0.99 -4.48
CA MET A 136 -8.87 1.15 -5.20
C MET A 136 -8.69 2.17 -6.29
N ASP A 137 -9.64 2.15 -7.23
CA ASP A 137 -9.50 2.90 -8.45
C ASP A 137 -9.51 4.34 -8.07
N GLN A 138 -8.57 5.09 -8.63
CA GLN A 138 -8.41 6.49 -8.33
C GLN A 138 -9.59 7.35 -8.81
N ASP A 139 -10.22 6.98 -9.90
CA ASP A 139 -11.42 7.74 -10.32
C ASP A 139 -12.54 7.50 -9.28
N LEU A 140 -12.67 6.26 -8.82
CA LEU A 140 -13.66 5.94 -7.79
C LEU A 140 -13.44 6.81 -6.55
N VAL A 141 -12.18 7.01 -6.13
CA VAL A 141 -11.89 7.78 -4.94
C VAL A 141 -12.33 9.21 -5.14
N LEU A 142 -12.06 9.74 -6.31
CA LEU A 142 -12.51 11.07 -6.64
C LEU A 142 -14.02 11.15 -6.56
N ASN A 143 -14.71 10.29 -7.26
CA ASN A 143 -16.17 10.27 -7.26
C ASN A 143 -16.78 9.98 -5.91
N LEU A 144 -16.13 9.17 -5.09
CA LEU A 144 -16.62 8.90 -3.76
C LEU A 144 -16.62 10.17 -2.97
N ASN A 145 -15.52 10.92 -3.07
CA ASN A 145 -15.43 12.15 -2.32
C ASN A 145 -16.45 13.18 -2.85
N GLN A 146 -16.62 13.28 -4.17
CA GLN A 146 -17.63 14.23 -4.68
C GLN A 146 -19.05 13.86 -4.22
N ALA A 147 -19.29 12.58 -4.13
CA ALA A 147 -20.63 12.09 -3.78
C ALA A 147 -20.92 12.46 -2.35
N ALA A 148 -19.91 12.36 -1.48
CA ALA A 148 -20.03 12.78 -0.09
C ALA A 148 -20.36 14.26 -0.01
N ILE A 149 -19.57 15.08 -0.69
CA ILE A 149 -19.80 16.52 -0.70
C ILE A 149 -21.26 16.77 -1.13
N ASN A 150 -21.65 16.15 -2.24
CA ASN A 150 -22.96 16.40 -2.77
C ASN A 150 -24.07 15.99 -1.81
N GLY A 151 -23.88 14.87 -1.10
CA GLY A 151 -24.87 14.33 -0.15
C GLY A 151 -24.96 15.25 1.05
N ILE A 152 -23.81 15.67 1.55
CA ILE A 152 -23.74 16.60 2.70
C ILE A 152 -24.50 17.88 2.39
N ARG A 153 -24.22 18.52 1.25
CA ARG A 153 -24.86 19.82 0.96
C ARG A 153 -26.36 19.62 0.67
N ALA A 154 -26.70 18.50 0.04
CA ALA A 154 -28.12 18.12 -0.23
C ALA A 154 -28.93 17.98 1.06
N ALA A 155 -28.29 17.61 2.18
CA ALA A 155 -28.98 17.55 3.47
C ALA A 155 -29.23 18.92 4.06
N GLY A 156 -28.72 19.95 3.41
CA GLY A 156 -28.73 21.29 3.95
C GLY A 156 -27.64 21.57 5.00
N ALA A 157 -26.68 20.66 5.22
CA ALA A 157 -25.47 20.98 5.98
C ALA A 157 -24.51 21.88 5.18
N THR A 158 -24.90 23.14 5.05
CA THR A 158 -24.23 24.08 4.13
C THR A 158 -23.15 24.97 4.72
N SER A 159 -22.95 24.92 6.02
CA SER A 159 -22.00 25.79 6.70
C SER A 159 -20.70 25.08 7.12
N GLN A 160 -20.66 23.75 7.04
CA GLN A 160 -19.63 22.94 7.65
C GLN A 160 -18.56 22.63 6.65
N TYR A 161 -17.32 22.60 7.12
CA TYR A 161 -16.17 22.20 6.32
C TYR A 161 -16.22 20.70 6.07
N ILE A 162 -15.83 20.32 4.88
CA ILE A 162 -15.86 18.94 4.46
C ILE A 162 -14.45 18.51 4.19
N PHE A 163 -13.97 17.55 4.97
CA PHE A 163 -12.59 17.10 4.84
C PHE A 163 -12.56 15.92 3.86
N VAL A 164 -11.78 16.06 2.80
CA VAL A 164 -11.74 15.02 1.77
C VAL A 164 -10.40 14.29 1.92
N GLU A 165 -10.43 12.97 1.68
CA GLU A 165 -9.18 12.17 1.78
C GLU A 165 -8.91 11.46 0.47
N GLY A 166 -7.62 11.34 0.14
CA GLY A 166 -7.16 10.55 -1.02
C GLY A 166 -6.71 9.09 -0.81
N ASN A 167 -6.21 8.53 -1.90
CA ASN A 167 -5.74 7.17 -1.98
C ASN A 167 -4.39 7.03 -1.36
N SER A 168 -3.80 5.84 -1.46
CA SER A 168 -2.58 5.52 -0.71
C SER A 168 -2.70 6.01 0.74
N TRP A 169 -3.84 5.70 1.37
CA TRP A 169 -4.06 5.98 2.78
C TRP A 169 -3.94 7.47 3.13
N THR A 170 -4.29 8.30 2.16
CA THR A 170 -4.20 9.73 2.19
C THR A 170 -2.86 10.29 2.71
N GLY A 171 -1.79 9.55 2.44
CA GLY A 171 -0.51 9.97 2.91
C GLY A 171 -0.01 11.24 2.23
N ALA A 172 0.55 12.15 3.00
CA ALA A 172 1.09 13.38 2.42
C ALA A 172 2.28 13.06 1.49
N TRP A 173 3.10 12.08 1.89
CA TRP A 173 4.33 11.75 1.16
C TRP A 173 4.17 11.10 -0.21
N THR A 174 3.00 10.54 -0.49
CA THR A 174 2.65 9.93 -1.76
C THR A 174 1.59 10.73 -2.52
N TRP A 175 1.13 11.84 -1.92
CA TRP A 175 0.03 12.60 -2.46
C TRP A 175 0.19 12.98 -3.94
N VAL A 176 1.32 13.56 -4.37
CA VAL A 176 1.35 14.10 -5.72
C VAL A 176 1.49 12.95 -6.73
N ASP A 177 1.95 11.83 -6.21
CA ASP A 177 2.20 10.68 -7.05
C ASP A 177 0.90 9.98 -7.45
N VAL A 178 -0.15 10.04 -6.63
CA VAL A 178 -1.43 9.37 -6.95
C VAL A 178 -2.70 10.25 -6.88
N ASN A 179 -2.70 11.33 -6.10
CA ASN A 179 -3.95 12.03 -5.80
C ASN A 179 -4.21 13.32 -6.57
N ASP A 180 -3.53 13.48 -7.70
CA ASP A 180 -3.58 14.73 -8.43
C ASP A 180 -4.97 15.09 -8.88
N ASN A 181 -5.77 14.10 -9.31
CA ASN A 181 -7.13 14.36 -9.77
C ASN A 181 -8.07 14.90 -8.68
N MET A 182 -7.69 14.76 -7.42
CA MET A 182 -8.51 15.23 -6.33
C MET A 182 -8.67 16.73 -6.42
N LYS A 183 -7.76 17.40 -7.12
CA LYS A 183 -7.91 18.84 -7.33
C LYS A 183 -9.22 19.16 -8.03
N ASN A 184 -9.89 18.22 -8.69
CA ASN A 184 -11.12 18.56 -9.42
C ASN A 184 -12.40 18.52 -8.59
N LEU A 185 -12.32 18.24 -7.29
CA LEU A 185 -13.52 18.26 -6.47
C LEU A 185 -14.11 19.68 -6.36
N THR A 186 -15.45 19.77 -6.40
CA THR A 186 -16.17 21.06 -6.28
C THR A 186 -17.14 21.02 -5.09
N ASP A 187 -17.49 22.17 -4.55
CA ASP A 187 -18.39 22.30 -3.44
C ASP A 187 -19.09 23.63 -3.68
N PRO A 188 -20.42 23.64 -3.81
CA PRO A 188 -21.11 24.95 -3.94
C PRO A 188 -20.77 25.97 -2.87
N GLU A 189 -20.43 25.51 -1.66
CA GLU A 189 -20.03 26.37 -0.54
C GLU A 189 -18.54 26.63 -0.43
N ASP A 190 -17.72 25.94 -1.22
CA ASP A 190 -16.32 26.19 -1.25
C ASP A 190 -15.64 26.02 0.10
N LYS A 191 -15.94 24.91 0.79
CA LYS A 191 -15.30 24.63 2.08
C LYS A 191 -14.69 23.23 2.13
N ILE A 192 -13.92 22.95 1.11
CA ILE A 192 -13.23 21.69 1.04
C ILE A 192 -11.86 21.86 1.70
N VAL A 193 -11.57 20.91 2.59
CA VAL A 193 -10.21 20.76 3.14
C VAL A 193 -9.64 19.39 2.74
N TYR A 194 -8.43 19.44 2.18
CA TYR A 194 -7.71 18.24 1.77
C TYR A 194 -6.95 17.65 2.99
N GLU A 195 -7.46 16.51 3.49
CA GLU A 195 -6.93 15.88 4.67
C GLU A 195 -5.89 14.81 4.30
N MET A 196 -4.68 14.96 4.82
CA MET A 196 -3.66 13.97 4.58
C MET A 196 -3.15 13.50 5.93
N HIS A 197 -2.56 12.30 5.93
CA HIS A 197 -1.99 11.70 7.13
C HIS A 197 -0.49 11.53 6.97
N GLN A 198 0.27 11.56 8.05
CA GLN A 198 1.68 11.32 7.90
C GLN A 198 2.30 10.78 9.15
N TYR A 199 2.89 9.61 8.99
CA TYR A 199 3.70 9.01 10.01
C TYR A 199 5.17 9.05 9.61
N LEU A 200 6.04 8.73 10.59
CA LEU A 200 7.45 9.07 10.52
C LEU A 200 8.43 7.90 10.69
N ASP A 201 7.87 6.72 10.97
CA ASP A 201 8.61 5.48 10.95
C ASP A 201 8.98 5.10 9.50
N SER A 202 9.73 4.03 9.31
CA SER A 202 10.46 3.85 8.03
C SER A 202 9.51 3.64 6.91
N ASP A 203 8.42 2.92 7.16
CA ASP A 203 7.45 2.62 6.12
C ASP A 203 6.19 3.48 6.19
N GLY A 204 6.18 4.48 7.03
CA GLY A 204 5.05 5.37 7.12
C GLY A 204 3.75 4.73 7.63
N SER A 205 3.81 3.53 8.18
CA SER A 205 2.63 2.81 8.69
C SER A 205 2.19 3.31 10.06
N GLY A 206 3.03 4.07 10.72
CA GLY A 206 2.68 4.54 12.07
C GLY A 206 2.58 3.41 13.09
N THR A 207 3.41 2.38 12.96
CA THR A 207 3.32 1.26 13.89
C THR A 207 4.59 1.09 14.68
N SER A 208 5.58 1.98 14.54
CA SER A 208 6.79 1.92 15.36
C SER A 208 7.07 3.29 16.00
N GLU A 209 7.59 3.25 17.21
CA GLU A 209 8.15 4.42 17.87
C GLU A 209 9.32 5.06 17.18
N THR A 210 10.10 4.37 16.38
CA THR A 210 11.30 5.00 15.84
C THR A 210 10.91 5.91 14.69
N CYS A 211 11.44 7.13 14.65
CA CYS A 211 11.34 8.03 13.52
C CYS A 211 12.63 7.87 12.73
N VAL A 212 12.50 7.95 11.40
CA VAL A 212 13.62 7.77 10.49
C VAL A 212 14.73 8.82 10.78
N SER A 213 14.39 10.06 11.08
CA SER A 213 15.41 11.09 11.28
C SER A 213 14.81 12.30 11.93
N GLU A 214 15.66 13.25 12.26
CA GLU A 214 15.21 14.51 12.87
C GLU A 214 14.27 15.29 11.93
N THR A 215 14.44 15.14 10.63
CA THR A 215 13.78 16.01 9.64
C THR A 215 12.74 15.33 8.73
N ILE A 216 12.42 14.09 9.03
CA ILE A 216 11.64 13.23 8.14
C ILE A 216 10.24 13.75 8.02
N GLY A 217 9.72 14.40 9.07
CA GLY A 217 8.36 14.94 9.03
C GLY A 217 8.21 16.04 8.00
N LYS A 218 9.09 17.03 8.08
CA LYS A 218 9.22 18.11 7.08
C LYS A 218 9.46 17.54 5.71
N GLU A 219 10.36 16.57 5.62
CA GLU A 219 10.64 15.98 4.32
C GLU A 219 9.43 15.35 3.73
N ARG A 220 8.63 14.69 4.55
CA ARG A 220 7.45 13.96 4.06
C ARG A 220 6.21 14.81 3.72
N VAL A 221 6.19 16.07 4.12
CA VAL A 221 5.09 16.98 3.77
C VAL A 221 5.43 18.13 2.78
N THR A 222 6.69 18.23 2.37
CA THR A 222 7.13 19.30 1.47
C THR A 222 6.39 19.27 0.13
N GLU A 223 6.40 18.17 -0.61
CA GLU A 223 5.78 18.13 -1.92
C GLU A 223 4.28 18.42 -1.89
N ALA A 224 3.57 17.82 -0.92
CA ALA A 224 2.15 18.12 -0.65
C ALA A 224 1.87 19.59 -0.36
N THR A 225 2.76 20.19 0.40
CA THR A 225 2.71 21.61 0.66
C THR A 225 2.72 22.40 -0.69
N GLN A 226 3.66 22.03 -1.54
CA GLN A 226 3.80 22.64 -2.85
C GLN A 226 2.62 22.31 -3.75
N TRP A 227 2.04 21.13 -3.62
CA TRP A 227 0.84 20.77 -4.38
C TRP A 227 -0.33 21.66 -4.00
N LEU A 228 -0.48 21.90 -2.70
CA LEU A 228 -1.57 22.73 -2.21
C LEU A 228 -1.49 24.15 -2.71
N LYS A 229 -0.30 24.71 -2.67
CA LYS A 229 -0.05 26.05 -3.16
C LYS A 229 -0.33 26.13 -4.63
N ASP A 230 0.19 25.18 -5.40
CA ASP A 230 0.04 25.28 -6.84
C ASP A 230 -1.37 25.08 -7.35
N ASN A 231 -2.13 24.26 -6.66
CA ASN A 231 -3.52 24.10 -6.99
C ASN A 231 -4.47 24.96 -6.20
N LYS A 232 -3.94 25.84 -5.35
CA LYS A 232 -4.79 26.78 -4.67
C LYS A 232 -5.85 26.13 -3.77
N LYS A 233 -5.43 25.13 -3.01
CA LYS A 233 -6.27 24.49 -2.02
C LYS A 233 -5.66 24.68 -0.65
N VAL A 234 -6.41 24.26 0.35
CA VAL A 234 -5.96 24.25 1.73
C VAL A 234 -6.02 22.80 2.22
N GLY A 235 -5.12 22.44 3.14
CA GLY A 235 -5.05 21.11 3.71
C GLY A 235 -4.94 21.07 5.21
N PHE A 236 -4.84 19.84 5.71
CA PHE A 236 -4.90 19.51 7.13
C PHE A 236 -4.27 18.14 7.35
N ILE A 237 -3.43 18.00 8.39
CA ILE A 237 -2.88 16.68 8.73
C ILE A 237 -3.78 16.03 9.80
N GLY A 238 -4.72 15.16 9.34
CA GLY A 238 -5.70 14.57 10.24
C GLY A 238 -5.20 13.46 11.15
N ALA A 239 -4.00 12.95 10.90
CA ALA A 239 -3.46 11.87 11.70
C ALA A 239 -1.94 11.87 11.57
N TYR A 240 -1.26 11.98 12.69
CA TYR A 240 0.19 12.02 12.69
C TYR A 240 0.60 11.69 14.11
N ALA A 241 1.85 11.26 14.28
CA ALA A 241 2.41 10.77 15.55
C ALA A 241 3.88 10.45 15.38
N GLY A 242 4.55 10.35 16.52
CA GLY A 242 5.94 9.93 16.62
C GLY A 242 6.12 9.49 18.06
N GLY A 243 7.09 8.61 18.25
CA GLY A 243 7.38 8.06 19.56
C GLY A 243 7.92 9.15 20.48
N SER A 244 7.74 8.97 21.77
CA SER A 244 8.26 9.90 22.76
C SER A 244 9.76 9.68 23.00
N ASN A 245 10.59 10.17 22.08
CA ASN A 245 12.02 10.01 22.13
C ASN A 245 12.62 11.22 21.43
N ASP A 246 13.91 11.44 21.55
CA ASP A 246 14.47 12.74 21.16
C ASP A 246 14.43 12.98 19.67
N VAL A 247 14.70 11.95 18.89
CA VAL A 247 14.64 12.06 17.46
C VAL A 247 13.20 12.36 16.99
N CYS A 248 12.22 11.67 17.55
CA CYS A 248 10.84 11.82 17.13
C CYS A 248 10.32 13.20 17.53
N ARG A 249 10.62 13.60 18.77
CA ARG A 249 10.36 14.96 19.22
C ARG A 249 10.88 16.03 18.23
N SER A 250 12.13 15.95 17.77
CA SER A 250 12.61 16.87 16.72
C SER A 250 11.86 16.71 15.40
N ALA A 251 11.52 15.49 15.03
CA ALA A 251 10.84 15.28 13.77
C ALA A 251 9.46 15.94 13.80
N VAL A 252 8.75 15.70 14.91
CA VAL A 252 7.41 16.24 15.09
C VAL A 252 7.51 17.74 15.18
N SER A 253 8.32 18.19 16.11
CA SER A 253 8.59 19.61 16.20
C SER A 253 8.88 20.29 14.85
N GLY A 254 9.74 19.67 14.05
CA GLY A 254 10.15 20.27 12.79
C GLY A 254 9.08 20.22 11.72
N MET A 255 8.16 19.24 11.79
CA MET A 255 7.11 19.14 10.80
C MET A 255 6.11 20.24 11.09
N LEU A 256 5.73 20.37 12.35
CA LEU A 256 4.81 21.43 12.73
C LEU A 256 5.37 22.85 12.45
N GLU A 257 6.66 23.06 12.69
CA GLU A 257 7.31 24.34 12.40
C GLU A 257 7.27 24.67 10.89
N TYR A 258 7.56 23.69 10.06
CA TYR A 258 7.51 23.91 8.62
C TYR A 258 6.06 24.22 8.17
N MET A 259 5.10 23.47 8.69
CA MET A 259 3.67 23.74 8.43
C MET A 259 3.26 25.15 8.90
N ALA A 260 3.71 25.55 10.07
CA ALA A 260 3.48 26.90 10.63
C ALA A 260 4.08 28.03 9.76
N ASN A 261 5.09 27.70 8.98
CA ASN A 261 5.55 28.60 7.96
C ASN A 261 4.76 28.60 6.66
N ASN A 262 3.68 27.79 6.58
CA ASN A 262 2.94 27.67 5.37
C ASN A 262 1.47 27.55 5.75
N THR A 263 1.02 28.42 6.65
CA THR A 263 -0.38 28.39 7.13
C THR A 263 -1.33 28.96 6.08
N ASP A 264 -0.78 29.52 5.00
CA ASP A 264 -1.63 29.83 3.86
C ASP A 264 -2.29 28.54 3.28
N VAL A 265 -1.66 27.39 3.42
CA VAL A 265 -2.23 26.13 2.94
C VAL A 265 -2.60 25.15 4.08
N TRP A 266 -1.81 25.09 5.15
CA TRP A 266 -2.07 24.20 6.27
C TRP A 266 -2.93 24.87 7.34
N LYS A 267 -4.15 24.37 7.48
CA LYS A 267 -5.10 24.82 8.48
C LYS A 267 -4.91 24.15 9.86
N GLY A 268 -4.02 23.16 9.95
CA GLY A 268 -3.59 22.61 11.22
C GLY A 268 -3.42 21.11 11.20
N ALA A 269 -3.57 20.49 12.35
CA ALA A 269 -3.24 19.06 12.48
C ALA A 269 -3.94 18.38 13.63
N SER A 270 -4.14 17.05 13.53
CA SER A 270 -4.59 16.28 14.69
C SER A 270 -3.76 15.03 14.98
N TRP A 271 -3.36 14.94 16.23
CA TRP A 271 -2.54 13.86 16.74
C TRP A 271 -3.34 12.52 16.75
N TRP A 272 -2.70 11.46 16.27
CA TRP A 272 -3.21 10.11 16.42
C TRP A 272 -2.49 9.55 17.65
N ALA A 273 -3.15 9.40 18.83
CA ALA A 273 -4.59 9.57 19.07
C ALA A 273 -4.91 9.57 20.58
N ALA A 274 -6.05 10.13 20.96
CA ALA A 274 -6.55 10.01 22.31
C ALA A 274 -7.75 9.05 22.27
N GLY A 275 -8.46 8.88 23.37
CA GLY A 275 -9.39 7.77 23.49
C GLY A 275 -9.12 6.98 24.75
N PRO A 276 -10.18 6.38 25.33
CA PRO A 276 -10.07 5.85 26.68
C PRO A 276 -9.53 4.45 26.80
N TRP A 277 -9.35 3.75 25.69
CA TRP A 277 -8.92 2.38 25.70
C TRP A 277 -7.60 2.16 25.00
N TRP A 278 -6.76 3.18 24.92
CA TRP A 278 -5.45 2.96 24.34
C TRP A 278 -4.46 2.31 25.31
N GLY A 279 -4.74 2.31 26.62
CA GLY A 279 -3.78 1.78 27.61
C GLY A 279 -2.36 2.27 27.31
N ASP A 280 -1.41 1.36 27.09
CA ASP A 280 0.00 1.71 26.98
C ASP A 280 0.45 1.98 25.56
N TYR A 281 -0.53 2.19 24.68
CA TYR A 281 -0.25 2.60 23.32
C TYR A 281 0.85 3.63 23.24
N ILE A 282 1.82 3.39 22.37
CA ILE A 282 2.96 4.31 22.17
C ILE A 282 2.58 5.75 21.77
N PHE A 283 1.39 5.94 21.22
CA PHE A 283 0.96 7.26 20.74
C PHE A 283 -0.18 7.88 21.54
N SER A 284 -0.47 7.32 22.72
CA SER A 284 -1.72 7.73 23.39
C SER A 284 -1.56 9.08 24.01
N LEU A 285 -2.48 9.94 23.64
CA LEU A 285 -2.58 11.28 24.15
C LEU A 285 -3.72 11.40 25.16
N GLU A 286 -4.26 10.28 25.64
CA GLU A 286 -5.33 10.33 26.62
C GLU A 286 -4.71 10.77 27.97
N PRO A 287 -5.17 11.90 28.55
CA PRO A 287 -4.71 12.23 29.90
C PRO A 287 -5.33 11.23 30.85
N PRO A 288 -4.75 11.00 32.03
CA PRO A 288 -3.63 11.79 32.57
C PRO A 288 -2.26 11.19 32.32
N ASP A 289 -2.21 10.01 31.74
CA ASP A 289 -0.96 9.25 31.70
C ASP A 289 -0.63 8.53 30.36
N GLY A 290 -1.27 8.91 29.25
CA GLY A 290 -0.86 8.41 27.94
C GLY A 290 0.59 8.76 27.63
N THR A 291 1.32 7.84 27.01
CA THR A 291 2.70 8.07 26.69
C THR A 291 2.95 9.38 25.94
N ALA A 292 2.12 9.64 24.93
CA ALA A 292 2.24 10.91 24.17
C ALA A 292 1.80 12.12 25.00
N TYR A 293 0.81 11.91 25.86
CA TYR A 293 0.34 12.93 26.77
C TYR A 293 1.43 13.46 27.71
N THR A 294 2.22 12.54 28.27
CA THR A 294 3.32 12.93 29.14
C THR A 294 4.56 13.25 28.36
N GLY A 295 4.77 12.57 27.26
CA GLY A 295 6.03 12.63 26.53
C GLY A 295 6.15 13.58 25.33
N MET A 296 5.02 14.02 24.75
CA MET A 296 5.00 14.85 23.55
C MET A 296 4.19 16.13 23.68
N LEU A 297 3.23 16.15 24.58
CA LEU A 297 2.28 17.25 24.66
C LEU A 297 2.95 18.60 24.76
N ASP A 298 4.12 18.67 25.38
CA ASP A 298 4.81 19.94 25.48
C ASP A 298 5.10 20.49 24.10
N ILE A 299 5.51 19.64 23.17
CA ILE A 299 5.77 20.11 21.81
C ILE A 299 4.52 20.65 21.13
N LEU A 300 3.40 19.97 21.31
CA LEU A 300 2.17 20.40 20.69
C LEU A 300 1.66 21.72 21.31
N GLU A 301 1.95 21.97 22.58
CA GLU A 301 1.47 23.18 23.28
C GLU A 301 2.08 24.48 22.77
N ALA A 302 3.27 24.40 22.19
CA ALA A 302 3.79 25.53 21.47
C ALA A 302 2.80 26.05 20.46
N TYR A 303 1.89 25.22 19.95
CA TYR A 303 0.86 25.67 18.97
C TYR A 303 -0.52 25.90 19.57
N LEU A 304 -0.60 26.04 20.89
CA LEU A 304 -1.87 26.27 21.58
C LEU A 304 -1.86 27.56 22.42
N GLU B 1 6.42 -33.37 -14.50
CA GLU B 1 4.94 -33.12 -14.63
C GLU B 1 4.62 -31.81 -15.37
N PHE B 2 3.53 -31.87 -16.10
CA PHE B 2 3.33 -30.97 -17.19
C PHE B 2 2.11 -30.08 -17.01
N VAL B 3 1.58 -30.02 -15.80
CA VAL B 3 0.47 -29.13 -15.46
C VAL B 3 0.82 -27.65 -15.66
N PHE B 4 1.92 -27.17 -15.09
CA PHE B 4 2.33 -25.79 -15.28
C PHE B 4 3.41 -25.67 -16.30
N GLU B 5 3.33 -24.66 -17.12
CA GLU B 5 4.34 -24.46 -18.10
C GLU B 5 5.69 -24.16 -17.44
N TRP B 6 5.71 -23.29 -16.43
CA TRP B 6 6.93 -22.87 -15.73
C TRP B 6 6.72 -23.06 -14.24
N PHE B 7 7.70 -23.60 -13.55
CA PHE B 7 7.58 -23.79 -12.13
C PHE B 7 9.00 -23.82 -11.54
N GLY B 8 9.26 -22.91 -10.59
CA GLY B 8 10.60 -22.64 -10.13
C GLY B 8 10.66 -21.64 -8.99
N SER B 9 11.72 -20.82 -8.95
CA SER B 9 12.00 -20.03 -7.76
C SER B 9 12.65 -18.69 -8.10
N ASN B 10 12.44 -17.71 -7.25
CA ASN B 10 13.24 -16.50 -7.36
C ASN B 10 14.66 -16.80 -6.90
N GLU B 11 15.58 -15.97 -7.34
CA GLU B 11 17.00 -16.09 -6.99
C GLU B 11 17.47 -14.70 -6.62
N SER B 12 17.54 -14.45 -5.33
CA SER B 12 17.75 -13.10 -4.82
C SER B 12 19.18 -12.93 -4.31
N GLY B 13 19.63 -11.68 -4.19
CA GLY B 13 20.92 -11.38 -3.60
C GLY B 13 21.50 -10.15 -4.26
N ALA B 14 21.35 -10.06 -5.58
CA ALA B 14 21.96 -9.00 -6.34
C ALA B 14 21.37 -7.66 -6.00
N GLU B 15 20.14 -7.72 -5.45
CA GLU B 15 19.42 -6.53 -5.05
C GLU B 15 19.51 -6.26 -3.54
N PHE B 16 20.25 -7.05 -2.81
CA PHE B 16 20.24 -6.92 -1.36
C PHE B 16 20.93 -5.66 -0.90
N GLY B 17 20.65 -5.29 0.33
CA GLY B 17 21.35 -4.20 0.97
C GLY B 17 20.71 -2.86 0.79
N THR B 18 21.30 -1.88 1.46
CA THR B 18 20.83 -0.49 1.50
C THR B 18 21.82 0.51 0.92
N ASN B 19 23.08 0.12 0.69
CA ASN B 19 24.06 1.02 0.06
C ASN B 19 24.05 0.90 -1.44
N ILE B 20 24.06 2.04 -2.12
CA ILE B 20 24.00 2.08 -3.57
C ILE B 20 25.11 2.97 -4.14
N PRO B 21 26.02 2.45 -4.98
CA PRO B 21 25.97 1.12 -5.56
C PRO B 21 26.37 -0.04 -4.62
N GLY B 22 27.05 0.28 -3.53
CA GLY B 22 27.55 -0.74 -2.62
C GLY B 22 28.67 -1.56 -3.22
N VAL B 23 29.10 -2.58 -2.49
CA VAL B 23 30.20 -3.42 -2.93
C VAL B 23 29.85 -4.91 -2.88
N TRP B 24 30.15 -5.60 -3.99
CA TRP B 24 30.00 -7.03 -4.05
C TRP B 24 30.67 -7.68 -2.81
N GLY B 25 29.95 -8.60 -2.18
CA GLY B 25 30.48 -9.41 -1.07
C GLY B 25 30.29 -8.80 0.30
N THR B 26 29.82 -7.58 0.33
CA THR B 26 29.57 -6.88 1.57
C THR B 26 28.09 -6.53 1.58
N ASP B 27 27.63 -5.83 0.54
CA ASP B 27 26.27 -5.30 0.47
C ASP B 27 25.34 -6.20 -0.31
N TYR B 28 25.87 -6.81 -1.37
CA TYR B 28 25.10 -7.75 -2.16
C TYR B 28 25.96 -8.88 -2.68
N ILE B 29 25.31 -9.86 -3.31
CA ILE B 29 25.91 -11.07 -3.87
C ILE B 29 25.03 -11.53 -5.07
N PHE B 30 25.58 -12.33 -5.96
CA PHE B 30 24.80 -13.01 -7.00
C PHE B 30 24.54 -14.47 -6.65
N PRO B 31 23.34 -14.99 -7.03
CA PRO B 31 22.99 -16.39 -6.84
C PRO B 31 24.12 -17.32 -7.24
N ASP B 32 24.16 -18.49 -6.60
CA ASP B 32 25.20 -19.47 -6.81
C ASP B 32 24.68 -20.46 -7.82
N PRO B 33 25.44 -20.71 -8.89
CA PRO B 33 25.05 -21.63 -9.93
C PRO B 33 24.88 -23.08 -9.46
N SER B 34 25.68 -23.47 -8.49
CA SER B 34 25.56 -24.78 -7.89
C SER B 34 24.20 -24.96 -7.28
N ALA B 35 23.73 -23.96 -6.56
CA ALA B 35 22.48 -24.07 -5.86
C ALA B 35 21.33 -24.06 -6.85
N ILE B 36 21.47 -23.28 -7.91
CA ILE B 36 20.50 -23.27 -9.01
C ILE B 36 20.43 -24.63 -9.68
N SER B 37 21.62 -25.14 -10.03
CA SER B 37 21.77 -26.48 -10.58
C SER B 37 21.15 -27.57 -9.73
N THR B 38 21.31 -27.52 -8.43
CA THR B 38 20.57 -28.41 -7.55
C THR B 38 19.07 -28.25 -7.69
N LEU B 39 18.59 -27.00 -7.74
CA LEU B 39 17.12 -26.80 -7.89
C LEU B 39 16.63 -27.29 -9.25
N ILE B 40 17.43 -27.12 -10.28
CA ILE B 40 17.11 -27.70 -11.57
C ILE B 40 16.99 -29.25 -11.49
N ASP B 41 17.89 -29.88 -10.75
CA ASP B 41 17.84 -31.35 -10.52
C ASP B 41 16.57 -31.83 -9.84
N LYS B 42 16.03 -31.01 -8.93
CA LYS B 42 14.76 -31.33 -8.28
C LYS B 42 13.55 -31.07 -9.21
N GLY B 43 13.81 -30.51 -10.41
CA GLY B 43 12.84 -30.39 -11.48
C GLY B 43 12.23 -29.02 -11.75
N MET B 44 12.88 -27.97 -11.26
CA MET B 44 12.46 -26.63 -11.57
C MET B 44 12.98 -26.33 -12.94
N ASN B 45 12.23 -25.52 -13.68
CA ASN B 45 12.58 -25.20 -15.04
C ASN B 45 12.41 -23.70 -15.21
N PHE B 46 12.47 -22.98 -14.11
CA PHE B 46 12.15 -21.51 -14.13
C PHE B 46 12.80 -20.80 -12.94
N PHE B 47 13.46 -19.69 -13.22
CA PHE B 47 14.14 -18.92 -12.21
C PHE B 47 13.98 -17.44 -12.52
N ARG B 48 13.56 -16.67 -11.51
CA ARG B 48 13.39 -15.21 -11.58
C ARG B 48 14.54 -14.57 -10.82
N VAL B 49 15.41 -13.88 -11.55
CA VAL B 49 16.68 -13.43 -11.03
C VAL B 49 16.60 -11.94 -10.73
N GLN B 50 16.75 -11.58 -9.45
CA GLN B 50 16.58 -10.22 -9.04
C GLN B 50 17.85 -9.45 -9.37
N PHE B 51 17.70 -8.20 -9.78
CA PHE B 51 18.83 -7.28 -9.77
C PHE B 51 18.30 -5.89 -9.48
N MET B 52 19.23 -4.96 -9.30
CA MET B 52 18.91 -3.60 -8.93
C MET B 52 19.35 -2.63 -10.05
N MET B 53 18.42 -1.87 -10.60
CA MET B 53 18.70 -1.02 -11.74
C MET B 53 19.80 -0.04 -11.42
N GLU B 54 19.91 0.39 -10.16
CA GLU B 54 20.91 1.42 -9.83
C GLU B 54 22.33 0.88 -9.85
N ARG B 55 22.45 -0.44 -9.75
CA ARG B 55 23.74 -1.08 -9.73
C ARG B 55 24.14 -1.40 -11.13
N LEU B 56 23.13 -1.68 -11.94
CA LEU B 56 23.34 -1.97 -13.34
C LEU B 56 23.65 -0.67 -14.04
N LEU B 57 22.96 0.39 -13.64
CA LEU B 57 23.07 1.69 -14.28
C LEU B 57 23.35 2.78 -13.26
N PRO B 58 24.63 2.98 -12.94
CA PRO B 58 25.03 3.89 -11.85
C PRO B 58 24.86 5.39 -12.09
N ASP B 59 24.87 5.84 -13.34
CA ASP B 59 24.75 7.29 -13.64
C ASP B 59 23.35 7.61 -14.01
N SER B 60 22.76 6.81 -14.89
CA SER B 60 21.48 7.22 -15.46
C SER B 60 20.80 6.01 -16.04
N MET B 61 19.48 6.08 -16.13
CA MET B 61 18.71 4.96 -16.66
C MET B 61 18.97 4.73 -18.16
N THR B 62 19.26 5.81 -18.87
CA THR B 62 19.64 5.70 -20.27
C THR B 62 21.17 5.61 -20.52
N GLY B 63 21.98 5.67 -19.47
CA GLY B 63 23.43 5.76 -19.60
C GLY B 63 24.15 4.42 -19.71
N SER B 64 25.45 4.45 -19.42
CA SER B 64 26.31 3.27 -19.60
C SER B 64 26.19 2.35 -18.43
N TYR B 65 26.31 1.06 -18.73
CA TYR B 65 26.23 0.01 -17.71
C TYR B 65 27.46 0.00 -16.85
N ASP B 66 27.32 -0.60 -15.66
CA ASP B 66 28.44 -1.14 -14.89
C ASP B 66 28.63 -2.54 -15.39
N GLU B 67 29.70 -2.72 -16.16
CA GLU B 67 29.87 -3.94 -16.96
C GLU B 67 30.19 -5.13 -16.08
N GLU B 68 30.80 -4.91 -14.91
CA GLU B 68 31.09 -6.03 -14.00
C GLU B 68 29.77 -6.54 -13.37
N TYR B 69 28.80 -5.66 -13.13
CA TYR B 69 27.53 -6.05 -12.53
C TYR B 69 26.69 -6.75 -13.57
N LEU B 70 26.65 -6.21 -14.77
CA LEU B 70 25.98 -6.86 -15.89
C LEU B 70 26.60 -8.22 -16.20
N ALA B 71 27.93 -8.25 -16.26
CA ALA B 71 28.63 -9.48 -16.53
C ALA B 71 28.26 -10.54 -15.48
N ASN B 72 28.15 -10.11 -14.22
CA ASN B 72 27.71 -11.02 -13.15
C ASN B 72 26.25 -11.48 -13.23
N LEU B 73 25.37 -10.58 -13.68
CA LEU B 73 24.03 -10.96 -13.97
C LEU B 73 24.06 -12.01 -15.10
N THR B 74 24.75 -11.67 -16.18
CA THR B 74 24.77 -12.52 -17.37
C THR B 74 25.27 -13.91 -17.08
N THR B 75 26.25 -14.01 -16.22
CA THR B 75 26.71 -15.31 -15.69
C THR B 75 25.65 -16.16 -15.02
N VAL B 76 24.77 -15.53 -14.25
CA VAL B 76 23.71 -16.28 -13.59
C VAL B 76 22.69 -16.69 -14.61
N ILE B 77 22.39 -15.82 -15.57
CA ILE B 77 21.43 -16.14 -16.63
C ILE B 77 21.93 -17.30 -17.49
N LYS B 78 23.21 -17.26 -17.80
CA LYS B 78 23.84 -18.30 -18.60
C LYS B 78 23.76 -19.65 -17.90
N ALA B 79 23.97 -19.66 -16.59
CA ALA B 79 23.87 -20.90 -15.81
C ALA B 79 22.44 -21.41 -15.77
N VAL B 80 21.48 -20.51 -15.65
CA VAL B 80 20.10 -20.94 -15.69
C VAL B 80 19.76 -21.56 -17.06
N THR B 81 20.05 -20.83 -18.15
CA THR B 81 19.69 -21.23 -19.50
C THR B 81 20.55 -22.39 -20.02
N ASP B 82 21.84 -22.47 -19.67
CA ASP B 82 22.68 -23.66 -20.01
C ASP B 82 22.17 -24.91 -19.32
N GLY B 83 21.46 -24.74 -18.20
CA GLY B 83 20.87 -25.87 -17.49
C GLY B 83 19.52 -26.23 -18.04
N GLY B 84 19.13 -25.56 -19.13
CA GLY B 84 17.84 -25.79 -19.77
C GLY B 84 16.61 -25.23 -19.05
N ALA B 85 16.79 -24.24 -18.16
CA ALA B 85 15.66 -23.51 -17.54
C ALA B 85 15.42 -22.12 -18.12
N HIS B 86 14.23 -21.59 -17.89
CA HIS B 86 13.97 -20.21 -18.29
C HIS B 86 14.45 -19.26 -17.20
N ALA B 87 15.08 -18.17 -17.64
CA ALA B 87 15.55 -17.12 -16.77
C ALA B 87 14.71 -15.84 -16.96
N LEU B 88 13.91 -15.50 -15.94
CA LEU B 88 13.13 -14.25 -15.95
C LEU B 88 13.99 -13.23 -15.26
N VAL B 89 14.31 -12.16 -15.98
CA VAL B 89 15.19 -11.10 -15.53
C VAL B 89 14.31 -10.03 -14.88
N ASP B 90 14.48 -9.88 -13.57
CA ASP B 90 13.64 -9.02 -12.72
C ASP B 90 14.35 -7.73 -12.18
N PRO B 91 14.10 -6.56 -12.82
CA PRO B 91 14.54 -5.30 -12.24
C PRO B 91 13.65 -5.09 -11.01
N HIS B 92 14.24 -5.30 -9.85
CA HIS B 92 13.53 -5.35 -8.63
C HIS B 92 13.41 -3.95 -8.07
N ASN B 93 12.69 -3.07 -8.77
CA ASN B 93 12.76 -1.65 -8.51
C ASN B 93 11.50 -0.92 -8.15
N TYR B 94 10.33 -1.57 -8.17
CA TYR B 94 9.14 -0.95 -7.54
C TYR B 94 8.65 0.25 -8.32
N GLY B 95 8.92 0.28 -9.63
CA GLY B 95 8.50 1.38 -10.48
C GLY B 95 9.31 2.63 -10.26
N ARG B 96 10.42 2.50 -9.52
CA ARG B 96 11.30 3.64 -9.13
C ARG B 96 12.74 3.45 -9.50
N TYR B 97 13.43 4.55 -9.67
CA TYR B 97 14.86 4.50 -9.98
C TYR B 97 15.44 5.67 -9.23
N ASN B 98 16.42 5.42 -8.38
CA ASN B 98 16.97 6.45 -7.50
C ASN B 98 15.99 7.07 -6.53
N GLY B 99 15.12 6.25 -5.94
CA GLY B 99 14.10 6.73 -5.03
C GLY B 99 12.92 7.47 -5.66
N GLU B 100 13.02 7.86 -6.93
CA GLU B 100 11.93 8.50 -7.61
C GLU B 100 11.15 7.57 -8.56
N ILE B 101 9.84 7.78 -8.61
CA ILE B 101 9.01 7.11 -9.55
C ILE B 101 9.50 7.38 -10.94
N ILE B 102 9.45 6.38 -11.78
CA ILE B 102 9.90 6.50 -13.16
C ILE B 102 8.74 7.10 -13.97
N SER B 103 8.79 8.38 -14.23
CA SER B 103 7.66 9.01 -14.89
C SER B 103 7.93 9.18 -16.39
N SER B 104 9.19 9.03 -16.79
CA SER B 104 9.50 9.04 -18.19
C SER B 104 9.40 7.65 -18.83
N THR B 105 8.30 7.45 -19.55
CA THR B 105 8.05 6.25 -20.31
C THR B 105 9.03 6.18 -21.48
N SER B 106 9.46 7.33 -21.94
CA SER B 106 10.50 7.41 -22.93
C SER B 106 11.84 6.84 -22.39
N ASP B 107 12.21 7.20 -21.17
CA ASP B 107 13.46 6.66 -20.62
C ASP B 107 13.33 5.16 -20.31
N PHE B 108 12.14 4.76 -19.84
CA PHE B 108 11.96 3.35 -19.48
C PHE B 108 12.06 2.47 -20.70
N GLN B 109 11.38 2.87 -21.78
CA GLN B 109 11.49 2.13 -23.03
C GLN B 109 12.94 2.03 -23.55
N THR B 110 13.67 3.14 -23.49
CA THR B 110 15.10 3.10 -23.81
C THR B 110 15.88 2.18 -22.88
N PHE B 111 15.60 2.25 -21.59
CA PHE B 111 16.17 1.28 -20.67
C PHE B 111 15.90 -0.16 -21.12
N TRP B 112 14.66 -0.44 -21.53
CA TRP B 112 14.32 -1.81 -21.92
C TRP B 112 14.90 -2.25 -23.27
N GLU B 113 14.86 -1.35 -24.24
CA GLU B 113 15.52 -1.60 -25.51
C GLU B 113 17.03 -1.98 -25.30
N ASN B 114 17.77 -1.19 -24.51
CA ASN B 114 19.19 -1.52 -24.20
C ASN B 114 19.40 -2.87 -23.55
N LEU B 115 18.60 -3.19 -22.52
CA LEU B 115 18.77 -4.42 -21.74
C LEU B 115 18.30 -5.62 -22.52
N ALA B 116 17.11 -5.54 -23.13
CA ALA B 116 16.72 -6.63 -24.04
C ALA B 116 17.78 -6.89 -25.13
N GLY B 117 18.44 -5.86 -25.65
CA GLY B 117 19.57 -6.05 -26.60
C GLY B 117 20.61 -7.05 -26.09
N GLN B 118 20.95 -6.96 -24.79
CA GLN B 118 21.92 -7.85 -24.19
C GLN B 118 21.55 -9.30 -24.23
N TYR B 119 20.26 -9.62 -24.31
CA TYR B 119 19.81 -11.04 -24.24
C TYR B 119 18.95 -11.49 -25.40
N LYS B 120 18.90 -10.72 -26.47
CA LYS B 120 17.90 -10.94 -27.49
C LYS B 120 18.05 -12.27 -28.20
N ASP B 121 19.27 -12.80 -28.22
CA ASP B 121 19.54 -14.06 -28.89
C ASP B 121 19.34 -15.27 -28.00
N ASN B 122 19.03 -15.08 -26.72
CA ASN B 122 18.80 -16.20 -25.83
C ASN B 122 17.31 -16.44 -25.66
N ASP B 123 16.81 -17.58 -26.14
CA ASP B 123 15.36 -17.89 -26.18
C ASP B 123 14.80 -18.43 -24.88
N LEU B 124 15.65 -18.70 -23.90
CA LEU B 124 15.13 -19.11 -22.59
C LEU B 124 15.13 -17.96 -21.60
N VAL B 125 15.45 -16.76 -22.06
CA VAL B 125 15.34 -15.57 -21.27
C VAL B 125 13.94 -14.98 -21.42
N MET B 126 13.42 -14.51 -20.28
CA MET B 126 12.15 -13.81 -20.19
C MET B 126 12.42 -12.47 -19.53
N PHE B 127 11.54 -11.52 -19.71
CA PHE B 127 11.73 -10.17 -19.16
C PHE B 127 10.54 -9.80 -18.30
N ASP B 128 10.84 -9.18 -17.17
CA ASP B 128 9.89 -8.76 -16.19
C ASP B 128 9.94 -7.24 -16.21
N THR B 129 8.85 -6.56 -16.57
CA THR B 129 8.98 -5.13 -16.79
C THR B 129 9.53 -4.40 -15.55
N ASN B 130 8.96 -4.71 -14.39
CA ASN B 130 9.47 -4.22 -13.12
C ASN B 130 8.80 -4.95 -11.97
N ASN B 131 9.53 -5.13 -10.88
CA ASN B 131 8.96 -5.75 -9.73
C ASN B 131 8.06 -4.81 -8.90
N GLU B 132 6.77 -5.15 -8.77
CA GLU B 132 5.86 -4.54 -7.81
C GLU B 132 5.72 -3.02 -7.82
N TYR B 133 5.12 -2.51 -8.88
CA TYR B 133 4.72 -1.12 -8.92
C TYR B 133 3.74 -0.89 -7.79
N HIS B 134 3.83 0.26 -7.13
CA HIS B 134 2.91 0.59 -6.03
C HIS B 134 2.86 2.11 -5.85
N ASP B 135 1.76 2.61 -5.28
CA ASP B 135 1.68 4.04 -4.88
C ASP B 135 2.11 4.99 -6.00
N MET B 136 1.48 4.79 -7.14
CA MET B 136 1.78 5.54 -8.31
C MET B 136 0.56 5.51 -9.25
N ASP B 137 0.55 6.41 -10.23
CA ASP B 137 -0.60 6.59 -11.09
C ASP B 137 -0.84 5.37 -11.97
N GLN B 138 -2.11 4.94 -12.04
CA GLN B 138 -2.47 3.71 -12.68
C GLN B 138 -2.30 3.77 -14.21
N ASP B 139 -2.48 4.95 -14.81
CA ASP B 139 -2.17 5.15 -16.23
C ASP B 139 -0.67 5.08 -16.48
N LEU B 140 0.14 5.62 -15.58
CA LEU B 140 1.60 5.50 -15.71
C LEU B 140 2.02 4.05 -15.70
N VAL B 141 1.45 3.26 -14.80
CA VAL B 141 1.82 1.88 -14.69
C VAL B 141 1.55 1.13 -16.01
N LEU B 142 0.35 1.31 -16.56
CA LEU B 142 0.01 0.76 -17.89
C LEU B 142 1.10 1.17 -18.91
N ASN B 143 1.33 2.46 -19.00
CA ASN B 143 2.26 3.00 -19.97
C ASN B 143 3.66 2.52 -19.76
N LEU B 144 4.11 2.37 -18.53
CA LEU B 144 5.44 1.79 -18.29
C LEU B 144 5.53 0.36 -18.80
N ASN B 145 4.47 -0.43 -18.63
CA ASN B 145 4.44 -1.82 -19.10
C ASN B 145 4.40 -1.85 -20.59
N GLN B 146 3.57 -1.00 -21.20
CA GLN B 146 3.56 -0.87 -22.67
C GLN B 146 4.91 -0.38 -23.19
N ALA B 147 5.53 0.56 -22.51
CA ALA B 147 6.88 1.02 -22.92
C ALA B 147 7.92 -0.12 -22.85
N ALA B 148 7.78 -1.01 -21.86
CA ALA B 148 8.77 -2.06 -21.70
C ALA B 148 8.61 -3.06 -22.83
N ILE B 149 7.35 -3.43 -23.09
CA ILE B 149 7.03 -4.24 -24.23
C ILE B 149 7.59 -3.60 -25.52
N ASN B 150 7.24 -2.33 -25.79
CA ASN B 150 7.68 -1.71 -27.03
C ASN B 150 9.20 -1.71 -27.20
N GLY B 151 9.95 -1.46 -26.12
CA GLY B 151 11.42 -1.40 -26.19
C GLY B 151 12.07 -2.75 -26.43
N ILE B 152 11.51 -3.75 -25.78
CA ILE B 152 11.98 -5.11 -25.89
C ILE B 152 11.82 -5.64 -27.32
N ARG B 153 10.62 -5.55 -27.90
CA ARG B 153 10.41 -5.90 -29.29
C ARG B 153 11.27 -5.03 -30.25
N ALA B 154 11.34 -3.73 -30.03
CA ALA B 154 12.19 -2.88 -30.87
C ALA B 154 13.65 -3.27 -30.80
N ALA B 155 14.08 -3.92 -29.72
CA ALA B 155 15.45 -4.39 -29.64
C ALA B 155 15.72 -5.61 -30.49
N GLY B 156 14.68 -6.19 -31.07
CA GLY B 156 14.85 -7.46 -31.75
C GLY B 156 14.73 -8.67 -30.86
N ALA B 157 14.32 -8.51 -29.60
CA ALA B 157 14.07 -9.67 -28.72
C ALA B 157 12.62 -10.05 -28.97
N THR B 158 12.42 -10.91 -29.95
CA THR B 158 11.08 -11.23 -30.42
C THR B 158 10.57 -12.58 -30.02
N SER B 159 11.40 -13.44 -29.48
CA SER B 159 10.92 -14.78 -29.10
C SER B 159 10.64 -14.89 -27.62
N GLN B 160 11.07 -13.90 -26.83
CA GLN B 160 10.91 -13.95 -25.39
C GLN B 160 9.56 -13.50 -24.83
N TYR B 161 9.16 -14.21 -23.76
CA TYR B 161 7.96 -13.87 -23.03
C TYR B 161 8.22 -12.62 -22.22
N ILE B 162 7.21 -11.79 -22.10
CA ILE B 162 7.30 -10.56 -21.32
C ILE B 162 6.30 -10.61 -20.19
N PHE B 163 6.80 -10.53 -18.96
CA PHE B 163 5.99 -10.58 -17.76
C PHE B 163 5.67 -9.15 -17.33
N VAL B 164 4.38 -8.84 -17.25
CA VAL B 164 3.95 -7.50 -16.88
C VAL B 164 3.47 -7.48 -15.46
N GLU B 165 3.65 -6.35 -14.77
CA GLU B 165 3.21 -6.27 -13.37
C GLU B 165 2.33 -5.08 -13.17
N GLY B 166 1.36 -5.25 -12.28
CA GLY B 166 0.47 -4.16 -11.88
C GLY B 166 0.85 -3.42 -10.59
N ASN B 167 0.00 -2.45 -10.27
CA ASN B 167 0.02 -1.67 -9.05
C ASN B 167 -0.46 -2.53 -7.85
N SER B 168 -0.44 -1.91 -6.68
CA SER B 168 -0.69 -2.59 -5.42
C SER B 168 0.22 -3.79 -5.26
N TRP B 169 1.47 -3.60 -5.66
CA TRP B 169 2.56 -4.60 -5.52
C TRP B 169 2.22 -5.85 -6.33
N THR B 170 1.59 -5.62 -7.49
CA THR B 170 0.99 -6.58 -8.37
C THR B 170 0.34 -7.74 -7.64
N GLY B 171 -0.29 -7.47 -6.51
CA GLY B 171 -0.96 -8.53 -5.76
C GLY B 171 -2.17 -9.13 -6.48
N ALA B 172 -2.33 -10.45 -6.42
CA ALA B 172 -3.52 -11.08 -6.96
C ALA B 172 -4.79 -10.66 -6.23
N TRP B 173 -4.73 -10.62 -4.91
CA TRP B 173 -5.97 -10.34 -4.13
C TRP B 173 -6.60 -8.98 -4.39
N THR B 174 -5.84 -8.03 -4.92
CA THR B 174 -6.32 -6.67 -5.17
C THR B 174 -6.42 -6.35 -6.66
N TRP B 175 -6.18 -7.33 -7.52
CA TRP B 175 -5.97 -7.07 -8.95
C TRP B 175 -7.17 -6.42 -9.63
N VAL B 176 -8.37 -6.93 -9.38
CA VAL B 176 -9.53 -6.45 -10.13
C VAL B 176 -9.92 -5.04 -9.68
N ASP B 177 -9.68 -4.75 -8.40
CA ASP B 177 -9.90 -3.39 -7.85
C ASP B 177 -9.02 -2.28 -8.46
N VAL B 178 -7.79 -2.58 -8.86
CA VAL B 178 -6.85 -1.55 -9.33
C VAL B 178 -6.24 -1.76 -10.73
N ASN B 179 -6.13 -3.00 -11.20
CA ASN B 179 -5.33 -3.27 -12.41
C ASN B 179 -6.12 -3.60 -13.70
N ASP B 180 -7.42 -3.30 -13.68
CA ASP B 180 -8.28 -3.64 -14.82
C ASP B 180 -7.78 -3.08 -16.15
N ASN B 181 -7.24 -1.86 -16.12
CA ASN B 181 -6.71 -1.26 -17.33
C ASN B 181 -5.55 -2.01 -17.96
N MET B 182 -4.95 -2.94 -17.24
CA MET B 182 -3.78 -3.68 -17.75
C MET B 182 -4.16 -4.61 -18.90
N LYS B 183 -5.45 -4.89 -19.04
CA LYS B 183 -5.91 -5.64 -20.21
C LYS B 183 -5.57 -4.95 -21.54
N ASN B 184 -5.23 -3.68 -21.53
CA ASN B 184 -5.02 -2.91 -22.72
C ASN B 184 -3.66 -3.16 -23.34
N LEU B 185 -2.76 -3.82 -22.64
CA LEU B 185 -1.42 -4.00 -23.17
C LEU B 185 -1.43 -4.90 -24.42
N THR B 186 -0.59 -4.57 -25.38
CA THR B 186 -0.53 -5.31 -26.65
C THR B 186 0.92 -5.56 -27.00
N ASP B 187 1.17 -6.77 -27.49
CA ASP B 187 2.48 -7.22 -27.89
C ASP B 187 2.34 -7.74 -29.29
N PRO B 188 3.14 -7.21 -30.25
CA PRO B 188 3.04 -7.77 -31.62
C PRO B 188 3.31 -9.29 -31.66
N GLU B 189 4.08 -9.78 -30.70
CA GLU B 189 4.32 -11.19 -30.61
C GLU B 189 3.32 -11.96 -29.74
N ASP B 190 2.36 -11.30 -29.10
CA ASP B 190 1.40 -12.01 -28.26
C ASP B 190 2.04 -12.85 -27.15
N LYS B 191 3.06 -12.34 -26.47
CA LYS B 191 3.69 -13.15 -25.44
C LYS B 191 3.70 -12.47 -24.05
N ILE B 192 2.62 -11.76 -23.75
CA ILE B 192 2.45 -11.10 -22.46
C ILE B 192 1.96 -12.10 -21.44
N VAL B 193 2.59 -12.09 -20.27
CA VAL B 193 2.12 -12.84 -19.13
C VAL B 193 1.87 -11.84 -18.02
N TYR B 194 0.68 -11.91 -17.42
CA TYR B 194 0.33 -11.07 -16.29
C TYR B 194 0.93 -11.69 -15.00
N GLU B 195 2.02 -11.11 -14.50
CA GLU B 195 2.63 -11.59 -13.28
C GLU B 195 2.03 -10.91 -12.07
N MET B 196 1.54 -11.73 -11.15
CA MET B 196 0.93 -11.30 -9.93
C MET B 196 1.66 -11.95 -8.78
N HIS B 197 1.63 -11.34 -7.59
CA HIS B 197 2.30 -11.92 -6.43
C HIS B 197 1.25 -12.13 -5.35
N GLN B 198 1.51 -13.05 -4.43
CA GLN B 198 0.54 -13.30 -3.41
C GLN B 198 1.13 -13.97 -2.21
N TYR B 199 0.96 -13.31 -1.09
CA TYR B 199 1.37 -13.86 0.15
C TYR B 199 0.12 -14.15 0.96
N LEU B 200 0.33 -14.87 2.06
CA LEU B 200 -0.75 -15.56 2.74
C LEU B 200 -1.00 -15.14 4.19
N ASP B 201 -0.14 -14.31 4.74
CA ASP B 201 -0.31 -13.72 6.04
C ASP B 201 -1.38 -12.62 6.03
N SER B 202 -1.74 -12.16 7.21
CA SER B 202 -2.93 -11.29 7.43
C SER B 202 -2.98 -10.05 6.58
N ASP B 203 -1.87 -9.33 6.48
CA ASP B 203 -1.81 -8.12 5.65
C ASP B 203 -1.23 -8.37 4.24
N GLY B 204 -0.93 -9.61 3.94
CA GLY B 204 -0.41 -9.91 2.61
C GLY B 204 0.99 -9.36 2.29
N SER B 205 1.75 -8.89 3.28
CA SER B 205 3.10 -8.36 3.05
C SER B 205 4.15 -9.45 2.92
N GLY B 206 3.83 -10.66 3.35
CA GLY B 206 4.78 -11.74 3.29
C GLY B 206 5.95 -11.52 4.23
N THR B 207 5.63 -11.09 5.44
CA THR B 207 6.64 -10.90 6.48
C THR B 207 6.38 -11.73 7.73
N SER B 208 5.33 -12.51 7.76
CA SER B 208 5.08 -13.39 8.90
C SER B 208 5.06 -14.87 8.46
N GLU B 209 5.55 -15.75 9.33
CA GLU B 209 5.43 -17.21 9.16
C GLU B 209 3.99 -17.69 9.04
N THR B 210 3.05 -16.91 9.53
CA THR B 210 1.68 -17.37 9.71
C THR B 210 0.75 -17.05 8.53
N CYS B 211 -0.12 -18.00 8.24
CA CYS B 211 -1.06 -17.89 7.17
C CYS B 211 -2.43 -17.78 7.80
N VAL B 212 -3.28 -16.93 7.23
CA VAL B 212 -4.59 -16.68 7.80
C VAL B 212 -5.44 -17.96 7.96
N SER B 213 -5.42 -18.86 6.99
CA SER B 213 -6.27 -20.06 7.05
C SER B 213 -5.83 -21.07 6.04
N GLU B 214 -6.39 -22.27 6.14
CA GLU B 214 -6.14 -23.36 5.19
C GLU B 214 -6.41 -23.02 3.72
N THR B 215 -7.27 -22.02 3.47
CA THR B 215 -7.83 -21.74 2.16
C THR B 215 -7.59 -20.32 1.66
N ILE B 216 -6.77 -19.57 2.38
CA ILE B 216 -6.59 -18.15 2.05
C ILE B 216 -5.88 -17.93 0.69
N GLY B 217 -5.03 -18.88 0.31
CA GLY B 217 -4.33 -18.83 -0.96
C GLY B 217 -5.25 -18.87 -2.16
N LYS B 218 -6.06 -19.92 -2.23
CA LYS B 218 -7.08 -20.03 -3.27
C LYS B 218 -8.02 -18.82 -3.16
N GLU B 219 -8.39 -18.44 -1.93
CA GLU B 219 -9.32 -17.32 -1.76
C GLU B 219 -8.77 -16.07 -2.41
N ARG B 220 -7.48 -15.87 -2.26
CA ARG B 220 -6.84 -14.65 -2.67
C ARG B 220 -6.53 -14.59 -4.14
N VAL B 221 -6.62 -15.71 -4.83
CA VAL B 221 -6.34 -15.70 -6.27
C VAL B 221 -7.60 -15.92 -7.09
N THR B 222 -8.72 -16.13 -6.43
CA THR B 222 -9.96 -16.50 -7.11
C THR B 222 -10.38 -15.39 -8.07
N GLU B 223 -10.43 -14.15 -7.60
CA GLU B 223 -10.86 -13.05 -8.45
C GLU B 223 -9.88 -12.78 -9.65
N ALA B 224 -8.57 -12.91 -9.43
CA ALA B 224 -7.63 -12.74 -10.56
C ALA B 224 -7.82 -13.80 -11.63
N THR B 225 -8.07 -15.02 -11.21
CA THR B 225 -8.38 -16.09 -12.14
C THR B 225 -9.56 -15.76 -13.08
N GLN B 226 -10.64 -15.26 -12.51
CA GLN B 226 -11.85 -14.97 -13.30
C GLN B 226 -11.57 -13.82 -14.26
N TRP B 227 -10.79 -12.84 -13.83
CA TRP B 227 -10.38 -11.73 -14.71
C TRP B 227 -9.54 -12.19 -15.89
N LEU B 228 -8.57 -13.07 -15.64
CA LEU B 228 -7.78 -13.65 -16.72
C LEU B 228 -8.67 -14.42 -17.74
N LYS B 229 -9.60 -15.24 -17.24
CA LYS B 229 -10.63 -15.94 -18.10
C LYS B 229 -11.47 -14.96 -18.92
N ASP B 230 -12.15 -14.05 -18.23
CA ASP B 230 -12.93 -12.99 -18.85
C ASP B 230 -12.14 -12.18 -19.91
N ASN B 231 -10.88 -11.88 -19.64
CA ASN B 231 -10.14 -11.06 -20.56
C ASN B 231 -9.18 -11.88 -21.46
N LYS B 232 -9.32 -13.20 -21.46
CA LYS B 232 -8.51 -14.06 -22.33
C LYS B 232 -7.02 -13.72 -22.23
N LYS B 233 -6.55 -13.62 -21.00
CA LYS B 233 -5.14 -13.44 -20.71
C LYS B 233 -4.63 -14.65 -19.96
N VAL B 234 -3.31 -14.74 -19.90
CA VAL B 234 -2.65 -15.73 -19.08
C VAL B 234 -1.80 -15.07 -18.02
N GLY B 235 -1.64 -15.78 -16.92
CA GLY B 235 -1.06 -15.26 -15.69
C GLY B 235 -0.08 -16.26 -15.09
N PHE B 236 0.67 -15.73 -14.13
CA PHE B 236 1.75 -16.44 -13.44
C PHE B 236 1.87 -15.80 -12.06
N ILE B 237 2.16 -16.59 -11.04
CA ILE B 237 2.38 -16.05 -9.70
C ILE B 237 3.89 -16.04 -9.52
N GLY B 238 4.51 -14.88 -9.71
CA GLY B 238 5.95 -14.85 -9.74
C GLY B 238 6.60 -14.73 -8.36
N ALA B 239 5.78 -14.51 -7.33
CA ALA B 239 6.26 -14.52 -5.97
C ALA B 239 5.15 -14.94 -5.01
N TYR B 240 5.35 -16.03 -4.29
CA TYR B 240 4.45 -16.46 -3.25
C TYR B 240 5.29 -17.20 -2.21
N ALA B 241 4.75 -17.34 -1.01
CA ALA B 241 5.40 -18.11 0.03
C ALA B 241 4.46 -18.38 1.18
N GLY B 242 4.88 -19.32 2.02
CA GLY B 242 4.19 -19.67 3.27
C GLY B 242 5.20 -20.22 4.26
N GLY B 243 4.88 -20.04 5.54
CA GLY B 243 5.71 -20.66 6.58
C GLY B 243 5.69 -22.17 6.55
N SER B 244 6.73 -22.79 7.10
CA SER B 244 6.73 -24.25 7.34
C SER B 244 5.91 -24.70 8.56
N ASN B 245 4.59 -24.63 8.45
CA ASN B 245 3.66 -25.19 9.42
C ASN B 245 2.48 -25.76 8.64
N ASP B 246 1.66 -26.53 9.33
CA ASP B 246 0.61 -27.30 8.65
C ASP B 246 -0.41 -26.41 7.91
N VAL B 247 -0.71 -25.26 8.51
CA VAL B 247 -1.72 -24.40 7.95
C VAL B 247 -1.21 -23.75 6.65
N CYS B 248 0.05 -23.30 6.66
CA CYS B 248 0.65 -22.74 5.47
C CYS B 248 0.87 -23.83 4.43
N ARG B 249 1.22 -25.06 4.85
CA ARG B 249 1.24 -26.15 3.85
C ARG B 249 -0.10 -26.36 3.13
N SER B 250 -1.21 -26.31 3.86
CA SER B 250 -2.51 -26.51 3.24
C SER B 250 -2.90 -25.32 2.43
N ALA B 251 -2.55 -24.12 2.90
CA ALA B 251 -2.92 -22.91 2.14
C ALA B 251 -2.19 -22.87 0.80
N VAL B 252 -0.90 -23.18 0.80
CA VAL B 252 -0.12 -23.24 -0.44
C VAL B 252 -0.62 -24.34 -1.37
N SER B 253 -0.75 -25.57 -0.85
CA SER B 253 -1.25 -26.71 -1.65
C SER B 253 -2.52 -26.35 -2.34
N GLY B 254 -3.44 -25.84 -1.53
CA GLY B 254 -4.76 -25.47 -2.02
C GLY B 254 -4.69 -24.40 -3.10
N MET B 255 -3.78 -23.43 -2.97
CA MET B 255 -3.58 -22.40 -4.01
C MET B 255 -3.11 -23.04 -5.31
N LEU B 256 -2.10 -23.90 -5.19
CA LEU B 256 -1.49 -24.55 -6.32
C LEU B 256 -2.46 -25.46 -7.02
N GLU B 257 -3.31 -26.13 -6.26
CA GLU B 257 -4.26 -27.11 -6.77
C GLU B 257 -5.37 -26.40 -7.56
N TYR B 258 -5.89 -25.31 -6.99
CA TYR B 258 -6.87 -24.49 -7.69
C TYR B 258 -6.30 -23.90 -8.96
N MET B 259 -5.09 -23.36 -8.85
CA MET B 259 -4.37 -22.92 -10.06
C MET B 259 -4.23 -24.06 -11.08
N ALA B 260 -3.86 -25.25 -10.63
CA ALA B 260 -3.69 -26.42 -11.50
C ALA B 260 -4.98 -26.80 -12.20
N ASN B 261 -6.12 -26.52 -11.55
CA ASN B 261 -7.44 -26.71 -12.16
C ASN B 261 -7.81 -25.64 -13.21
N ASN B 262 -6.90 -24.74 -13.52
CA ASN B 262 -7.21 -23.54 -14.30
C ASN B 262 -5.98 -23.13 -15.06
N THR B 263 -5.36 -24.12 -15.68
CA THR B 263 -4.18 -23.90 -16.48
C THR B 263 -4.51 -23.33 -17.85
N ASP B 264 -5.78 -23.15 -18.20
CA ASP B 264 -6.16 -22.26 -19.32
C ASP B 264 -5.59 -20.89 -19.09
N VAL B 265 -5.48 -20.46 -17.83
CA VAL B 265 -5.00 -19.10 -17.49
C VAL B 265 -3.66 -19.08 -16.68
N TRP B 266 -3.45 -20.04 -15.79
CA TRP B 266 -2.27 -20.02 -14.92
C TRP B 266 -1.14 -20.81 -15.52
N LYS B 267 -0.04 -20.13 -15.82
CA LYS B 267 1.07 -20.79 -16.48
C LYS B 267 2.10 -21.37 -15.50
N GLY B 268 1.99 -21.01 -14.24
CA GLY B 268 2.87 -21.56 -13.22
C GLY B 268 3.11 -20.60 -12.09
N ALA B 269 4.16 -20.83 -11.33
CA ALA B 269 4.43 -20.04 -10.13
C ALA B 269 5.91 -20.06 -9.81
N SER B 270 6.38 -19.12 -9.03
CA SER B 270 7.72 -19.23 -8.49
C SER B 270 7.82 -18.75 -7.06
N TRP B 271 8.45 -19.59 -6.26
CA TRP B 271 8.59 -19.38 -4.82
C TRP B 271 9.52 -18.20 -4.54
N TRP B 272 9.11 -17.39 -3.57
CA TRP B 272 9.97 -16.38 -2.92
C TRP B 272 10.52 -16.94 -1.63
N ALA B 273 11.79 -17.29 -1.53
CA ALA B 273 12.84 -17.11 -2.53
C ALA B 273 14.01 -18.02 -2.16
N ALA B 274 14.88 -18.27 -3.15
CA ALA B 274 16.15 -18.92 -2.96
C ALA B 274 17.18 -17.83 -3.17
N GLY B 275 18.45 -18.23 -3.18
CA GLY B 275 19.57 -17.30 -3.21
C GLY B 275 20.51 -17.55 -2.06
N PRO B 276 21.75 -17.10 -2.19
CA PRO B 276 22.81 -17.54 -1.27
C PRO B 276 22.95 -16.87 0.10
N TRP B 277 22.29 -15.75 0.33
CA TRP B 277 22.52 -14.94 1.53
C TRP B 277 21.25 -14.85 2.36
N TRP B 278 20.34 -15.81 2.21
CA TRP B 278 19.07 -15.74 2.96
C TRP B 278 19.24 -16.23 4.39
N GLY B 279 20.27 -17.01 4.65
CA GLY B 279 20.50 -17.52 6.00
C GLY B 279 19.26 -18.22 6.50
N ASP B 280 18.78 -17.79 7.66
CA ASP B 280 17.60 -18.40 8.30
C ASP B 280 16.28 -17.70 7.95
N TYR B 281 16.24 -16.98 6.83
CA TYR B 281 14.99 -16.50 6.29
C TYR B 281 13.94 -17.60 6.37
N ILE B 282 12.79 -17.25 6.92
CA ILE B 282 11.66 -18.16 7.06
C ILE B 282 11.10 -18.75 5.76
N PHE B 283 11.37 -18.10 4.62
CA PHE B 283 10.92 -18.58 3.33
C PHE B 283 12.05 -19.08 2.43
N SER B 284 13.26 -19.25 2.97
CA SER B 284 14.38 -19.57 2.11
C SER B 284 14.33 -20.94 1.43
N LEU B 285 14.41 -20.93 0.09
CA LEU B 285 14.36 -22.17 -0.66
C LEU B 285 15.76 -22.64 -1.07
N GLU B 286 16.79 -22.01 -0.51
CA GLU B 286 18.13 -22.32 -0.91
C GLU B 286 18.52 -23.72 -0.47
N PRO B 287 18.91 -24.57 -1.41
CA PRO B 287 19.36 -25.87 -0.99
C PRO B 287 20.77 -25.79 -0.33
N PRO B 288 21.02 -26.65 0.63
CA PRO B 288 20.05 -27.70 1.06
C PRO B 288 19.39 -27.44 2.39
N ASP B 289 19.67 -26.29 3.02
CA ASP B 289 19.30 -26.02 4.42
C ASP B 289 18.22 -24.91 4.65
N GLY B 290 17.81 -24.23 3.60
CA GLY B 290 16.74 -23.27 3.74
C GLY B 290 15.50 -23.91 4.33
N THR B 291 14.85 -23.17 5.22
CA THR B 291 13.63 -23.58 5.90
C THR B 291 12.51 -23.97 4.93
N ALA B 292 12.34 -23.22 3.86
CA ALA B 292 11.33 -23.60 2.87
C ALA B 292 11.78 -24.88 2.14
N TYR B 293 13.05 -24.99 1.87
CA TYR B 293 13.55 -26.18 1.20
C TYR B 293 13.19 -27.44 2.01
N THR B 294 13.50 -27.49 3.30
CA THR B 294 13.28 -28.73 4.07
C THR B 294 11.86 -28.85 4.55
N GLY B 295 11.18 -27.75 4.76
CA GLY B 295 9.81 -27.80 5.27
C GLY B 295 8.69 -27.66 4.27
N MET B 296 8.99 -27.23 3.04
CA MET B 296 7.92 -27.01 2.05
C MET B 296 8.03 -27.82 0.75
N LEU B 297 9.23 -28.25 0.38
CA LEU B 297 9.45 -28.83 -0.92
C LEU B 297 8.55 -30.01 -1.18
N ASP B 298 8.29 -30.84 -0.16
CA ASP B 298 7.35 -31.96 -0.32
C ASP B 298 6.00 -31.56 -0.91
N ILE B 299 5.51 -30.38 -0.57
CA ILE B 299 4.28 -29.84 -1.14
C ILE B 299 4.49 -29.44 -2.60
N LEU B 300 5.68 -28.98 -2.97
CA LEU B 300 5.92 -28.51 -4.32
C LEU B 300 6.10 -29.66 -5.30
N GLU B 301 6.53 -30.81 -4.78
CA GLU B 301 7.06 -31.91 -5.61
C GLU B 301 6.10 -32.44 -6.67
N ALA B 302 4.81 -32.52 -6.37
CA ALA B 302 3.84 -32.84 -7.41
C ALA B 302 4.04 -32.00 -8.67
N TYR B 303 4.53 -30.77 -8.53
CA TYR B 303 4.67 -29.92 -9.71
C TYR B 303 6.06 -29.86 -10.24
N LEU B 304 7.01 -30.49 -9.57
CA LEU B 304 8.41 -30.40 -9.96
C LEU B 304 8.84 -31.60 -10.80
C2 BGC C . -5.13 4.35 10.88
C3 BGC C . -5.29 3.78 12.35
C4 BGC C . -3.89 3.22 12.78
C5 BGC C . -2.90 4.36 12.56
C6 BGC C . -1.50 4.09 12.90
C1 BGC C . -4.12 5.48 11.17
O1 BGC C . -4.18 6.63 10.46
O2 BGC C . -6.35 4.81 10.37
O3 BGC C . -6.36 2.91 12.52
O4 BGC C . -3.88 2.91 14.22
O5 BGC C . -2.92 4.80 11.16
O6 BGC C . -1.23 2.82 12.44
C2 BGC C . -3.71 1.05 15.65
C3 BGC C . -4.48 -0.14 16.19
C4 BGC C . -5.92 0.27 16.56
C5 BGC C . -6.56 1.04 15.42
C6 BGC C . -7.83 1.77 15.84
C1 BGC C . -4.45 1.65 14.51
O2 BGC C . -2.46 0.66 15.16
O3 BGC C . -3.85 -0.64 17.34
O4 BGC C . -6.66 -0.93 16.75
O5 BGC C . -5.68 2.10 14.99
O6 BGC C . -8.48 2.17 14.63
C2 BGC C . -7.89 -2.27 18.14
C3 BGC C . -8.37 -2.47 19.53
C4 BGC C . -7.25 -2.54 20.53
C5 BGC C . -6.19 -1.45 20.28
C6 BGC C . -4.86 -2.02 20.85
C1 BGC C . -7.06 -1.07 18.09
O2 BGC C . -9.03 -1.96 17.34
O3 BGC C . -9.12 -3.65 19.60
O4 BGC C . -7.80 -2.29 21.84
O5 BGC C . -5.91 -1.26 18.85
O6 BGC C . -4.21 -0.99 21.55
C2 BGC C . -7.87 -3.33 23.99
C3 BGC C . -8.34 -4.58 24.68
C4 BGC C . -9.85 -4.76 24.40
C5 BGC C . -10.08 -4.83 22.88
C6 BGC C . -11.56 -4.66 22.59
C1 BGC C . -8.06 -3.51 22.52
O2 BGC C . -6.50 -3.22 24.24
O3 BGC C . -8.04 -4.39 26.06
O4 BGC C . -10.36 -5.97 24.97
O5 BGC C . -9.42 -3.74 22.21
O6 BGC C . -11.69 -4.58 21.17
C2 BGC D . 9.21 -8.20 -2.33
C3 BGC D . 10.49 -8.73 -1.58
C4 BGC D . 10.03 -9.11 -0.13
C5 BGC D . 8.83 -10.05 -0.22
C6 BGC D . 8.30 -10.61 1.09
C1 BGC D . 8.34 -9.45 -2.25
O1 BGC D . 7.37 -9.66 -3.26
O2 BGC D . 9.40 -7.75 -3.63
O3 BGC D . 11.66 -7.83 -1.63
O4 BGC D . 11.05 -9.79 0.57
O5 BGC D . 7.81 -9.35 -0.92
O6 BGC D . 8.16 -9.53 1.99
C2 BGC D . 12.50 -9.48 2.32
C3 BGC D . 13.76 -8.74 2.78
C4 BGC D . 14.84 -8.76 1.68
C5 BGC D . 14.23 -8.33 0.35
C6 BGC D . 15.22 -8.45 -0.82
C1 BGC D . 12.08 -8.96 0.97
O2 BGC D . 11.42 -9.33 3.20
O3 BGC D . 14.27 -9.39 3.93
O4 BGC D . 15.80 -7.81 2.09
O5 BGC D . 13.13 -9.18 0.04
O6 BGC D . 14.66 -7.88 -2.05
C2 BGC D . 18.10 -7.25 2.43
C3 BGC D . 19.43 -7.91 2.81
C4 BGC D . 19.31 -8.88 3.98
C5 BGC D . 18.14 -9.86 3.67
C6 BGC D . 17.92 -10.93 4.82
C1 BGC D . 17.07 -8.35 2.26
O2 BGC D . 18.36 -6.61 1.17
O3 BGC D . 20.38 -6.84 3.04
O4 BGC D . 20.51 -9.70 4.03
O5 BGC D . 16.93 -9.13 3.45
O6 BGC D . 17.64 -10.27 6.04
C2 BGC D . 22.37 -10.29 5.32
C3 BGC D . 23.57 -9.70 6.04
C4 BGC D . 24.39 -8.88 5.11
C5 BGC D . 23.52 -7.83 4.43
C6 BGC D . 24.33 -7.07 3.43
C1 BGC D . 21.60 -9.15 4.70
O2 BGC D . 21.55 -10.99 6.29
O3 BGC D . 24.38 -10.74 6.47
O4 BGC D . 25.43 -8.27 5.88
O5 BGC D . 22.46 -8.51 3.77
O6 BGC D . 23.45 -6.29 2.59
C1 PGE E . -0.86 1.56 5.82
O1 PGE E . 0.07 0.49 5.96
C2 PGE E . -0.42 2.66 6.74
O2 PGE E . -1.53 3.49 7.08
C3 PGE E . -1.13 4.67 7.77
C4 PGE E . -1.29 5.89 6.83
O4 PGE E . 2.40 7.78 6.18
C6 PGE E . 1.14 8.41 6.06
C5 PGE E . 0.22 7.37 5.63
O3 PGE E . -0.08 6.66 6.81
C1 NAG F . -24.27 3.64 24.28
C2 NAG F . -23.76 2.20 24.12
C3 NAG F . -24.51 1.33 25.16
C4 NAG F . -24.16 1.81 26.59
C5 NAG F . -24.27 3.34 26.71
C6 NAG F . -23.48 3.89 27.92
C7 NAG F . -24.42 1.12 22.08
C8 NAG F . -24.18 0.78 20.64
N2 NAG F . -23.55 1.83 22.68
O3 NAG F . -24.16 -0.04 25.12
O4 NAG F . -24.77 1.06 27.66
O5 NAG F . -23.76 3.98 25.54
O6 NAG F . -23.81 5.25 28.14
O7 NAG F . -25.41 0.75 22.72
C1 PGE G . 3.54 -5.26 0.21
O1 PGE G . 4.11 -4.40 1.21
C2 PGE G . 4.62 -6.18 -0.43
O2 PGE G . 4.08 -7.51 -0.74
C3 PGE G . 4.29 -7.86 -2.09
C4 PGE G . 3.14 -8.64 -2.65
O4 PGE G . 0.23 -10.58 -1.01
C6 PGE G . -0.23 -9.63 -1.95
C5 PGE G . 0.99 -9.20 -2.72
O3 PGE G . 1.97 -8.56 -1.87
C1 PGE H . 2.13 2.55 -28.40
O1 PGE H . 1.73 1.17 -28.55
C2 PGE H . 1.65 3.08 -27.02
O2 PGE H . 2.80 3.45 -26.22
C3 PGE H . 2.58 3.76 -24.80
C4 PGE H . 3.95 4.08 -24.14
O4 PGE H . 7.07 6.95 -23.89
C6 PGE H . 6.02 6.45 -24.67
C5 PGE H . 6.24 4.97 -24.79
O3 PGE H . 4.96 4.39 -25.16
CA CA I . 9.80 -33.88 -12.28
CA CA J . 7.43 -34.41 -9.06
C1 NAG K . 31.25 -9.66 -9.96
C2 NAG K . 31.63 -8.63 -8.92
C3 NAG K . 33.12 -8.78 -8.55
C4 NAG K . 33.37 -10.17 -8.02
C5 NAG K . 32.88 -11.17 -9.07
C6 NAG K . 32.96 -12.59 -8.53
C7 NAG K . 30.08 -6.77 -9.23
C8 NAG K . 29.92 -5.31 -9.55
N2 NAG K . 31.31 -7.27 -9.25
O3 NAG K . 33.54 -7.84 -7.59
O4 NAG K . 34.72 -10.28 -7.76
O5 NAG K . 31.52 -10.90 -9.37
O6 NAG K . 33.20 -13.46 -9.61
O7 NAG K . 29.12 -7.46 -8.97
#